data_9EQJ
#
_entry.id   9EQJ
#
_cell.length_a   47.237
_cell.length_b   47.345
_cell.length_c   99.746
_cell.angle_alpha   81.410
_cell.angle_beta   76.780
_cell.angle_gamma   80.490
#
_symmetry.space_group_name_H-M   'P 1'
#
loop_
_entity.id
_entity.type
_entity.pdbx_description
1 polymer Elongin-B
2 polymer Elongin-C
3 polymer 'von Hippel-Lindau disease tumor suppressor'
4 non-polymer (2S,4R)-1-[(2R)-2-[(1-fluoranylcyclopropyl)carbonylamino]-3-methyl-3-[[cis-4-(morpholin-4-ylmethyl)cyclohexyl]methylsulfanyl]butanoyl]-N-[[4-(4-methyl-1,3-thiazol-5-yl)phenyl]methyl]-4-oxidanyl-pyrrolidine-2-carboxamide
5 water water
#
loop_
_entity_poly.entity_id
_entity_poly.type
_entity_poly.pdbx_seq_one_letter_code
_entity_poly.pdbx_strand_id
1 'polypeptide(L)'
;MDVFLMIRRHKTTIFTDAKESSTVFELKRIVEGILKRPPDEQRLYKDDQLLDDGKTLGECGFTSQTARPQAPATVGLAFR
ADDTFEALCIEPFSSPPELPDVMK
;
A,D
2 'polypeptide(L)'
;MMYVKLISSDGHEFIVKREHALTSGTIKAMLSGPGQFAENETNEVNFREIPSHVLSKVCMYFTYKVRYTNSSTEIPEFPI
APEIALELLMAANFLDC
;
B,E
3 'polypeptide(L)'
;GSMEAGRPRPVLRSVNSREPSQVIFCNRSPRVVLPVWLNFDGEPQPYPTLPPGTGRRIHSYRGHLWLFRDAGTHDGLLVN
QTELFVPSLNVDGQPIFANITLPVYTLKERCLQVVRSLVKPENYRRLDIVRSLYEDLEDHPNVQKDLERLTQERIAHQRM
GD
;
C,F
#
# COMPACT_ATOMS: atom_id res chain seq x y z
N MET A 1 17.42 1.44 -11.14
CA MET A 1 15.95 1.66 -11.32
C MET A 1 15.49 2.86 -10.49
N ASP A 2 14.85 3.82 -11.14
CA ASP A 2 14.38 5.03 -10.47
C ASP A 2 13.02 4.81 -9.84
N VAL A 3 12.78 5.49 -8.72
CA VAL A 3 11.50 5.53 -8.05
C VAL A 3 11.06 6.99 -7.97
N PHE A 4 9.76 7.18 -7.98
CA PHE A 4 9.16 8.50 -8.09
C PHE A 4 8.24 8.70 -6.91
N LEU A 5 8.38 9.84 -6.24
CA LEU A 5 7.82 10.04 -4.91
C LEU A 5 7.04 11.35 -4.82
N MET A 6 6.12 11.37 -3.89
CA MET A 6 5.54 12.56 -3.29
C MET A 6 5.98 12.56 -1.82
N ILE A 7 6.81 13.53 -1.44
CA ILE A 7 7.20 13.70 -0.05
C ILE A 7 6.26 14.71 0.60
N ARG A 8 5.43 14.26 1.52
CA ARG A 8 4.28 15.04 1.97
C ARG A 8 4.37 15.31 3.48
N ARG A 9 4.12 16.58 3.85
CA ARG A 9 4.01 17.04 5.22
C ARG A 9 2.96 18.13 5.25
N HIS A 10 1.97 17.99 6.13
CA HIS A 10 0.92 18.99 6.27
C HIS A 10 0.27 19.23 4.92
N LYS A 11 0.45 20.42 4.36
CA LYS A 11 -0.10 20.81 3.07
C LYS A 11 1.00 21.09 2.06
N THR A 12 2.15 20.47 2.26
CA THR A 12 3.29 20.59 1.36
C THR A 12 3.49 19.21 0.72
N THR A 13 3.70 19.19 -0.60
CA THR A 13 4.00 17.96 -1.33
C THR A 13 5.18 18.23 -2.24
N ILE A 14 6.24 17.45 -2.08
CA ILE A 14 7.43 17.56 -2.91
C ILE A 14 7.39 16.41 -3.88
N PHE A 15 7.50 16.70 -5.19
CA PHE A 15 7.57 15.70 -6.24
C PHE A 15 9.04 15.51 -6.57
N THR A 16 9.54 14.30 -6.38
CA THR A 16 10.92 14.06 -6.76
C THR A 16 11.15 12.57 -7.04
N ASP A 17 12.28 12.27 -7.66
CA ASP A 17 12.71 10.91 -7.94
C ASP A 17 14.04 10.60 -7.27
N ALA A 18 14.32 9.30 -7.12
CA ALA A 18 15.52 8.79 -6.47
C ALA A 18 15.74 7.36 -6.95
N LYS A 19 16.89 6.80 -6.60
CA LYS A 19 17.19 5.42 -6.92
C LYS A 19 16.60 4.46 -5.89
N GLU A 20 16.22 3.27 -6.33
CA GLU A 20 15.80 2.22 -5.40
C GLU A 20 16.93 1.89 -4.43
N SER A 21 18.17 1.95 -4.91
CA SER A 21 19.35 1.60 -4.10
C SER A 21 19.83 2.75 -3.24
N SER A 22 19.37 3.97 -3.47
CA SER A 22 19.72 5.09 -2.63
C SER A 22 19.03 4.93 -1.29
N THR A 23 19.56 5.65 -0.30
CA THR A 23 19.17 5.42 1.09
C THR A 23 18.20 6.48 1.57
N VAL A 24 17.47 6.15 2.64
CA VAL A 24 16.61 7.13 3.29
C VAL A 24 17.40 8.40 3.59
N PHE A 25 18.63 8.24 4.09
CA PHE A 25 19.50 9.38 4.38
C PHE A 25 19.76 10.22 3.14
N GLU A 26 20.12 9.58 2.03
CA GLU A 26 20.33 10.38 0.82
C GLU A 26 19.07 11.15 0.44
N LEU A 27 17.89 10.58 0.71
CA LEU A 27 16.63 11.27 0.44
C LEU A 27 16.44 12.48 1.36
N LYS A 28 16.85 12.37 2.63
CA LYS A 28 16.76 13.55 3.50
C LYS A 28 17.68 14.66 3.01
N ARG A 29 18.80 14.28 2.41
CA ARG A 29 19.66 15.26 1.78
C ARG A 29 18.94 15.98 0.64
N ILE A 30 18.15 15.22 -0.14
CA ILE A 30 17.31 15.85 -1.16
C ILE A 30 16.38 16.88 -0.51
N VAL A 31 15.67 16.43 0.52
CA VAL A 31 14.71 17.30 1.20
C VAL A 31 15.40 18.55 1.74
N GLU A 32 16.65 18.42 2.16
CA GLU A 32 17.33 19.57 2.76
C GLU A 32 17.57 20.65 1.72
N GLY A 33 18.10 20.28 0.56
CA GLY A 33 18.32 21.24 -0.51
C GLY A 33 17.07 22.01 -0.90
N ILE A 34 15.90 21.43 -0.66
CA ILE A 34 14.63 22.04 -1.05
C ILE A 34 14.05 22.83 0.10
N LEU A 35 13.92 22.17 1.26
CA LEU A 35 13.21 22.74 2.40
C LEU A 35 14.14 23.34 3.45
N LYS A 36 15.46 23.33 3.22
CA LYS A 36 16.41 24.04 4.11
C LYS A 36 16.24 23.59 5.56
N ARG A 37 16.07 22.30 5.76
CA ARG A 37 16.09 21.74 7.09
C ARG A 37 17.06 20.58 7.09
N PRO A 38 17.84 20.42 8.16
CA PRO A 38 18.89 19.40 8.16
C PRO A 38 18.30 18.01 8.30
N PRO A 39 19.03 16.99 7.87
CA PRO A 39 18.52 15.61 8.04
C PRO A 39 18.18 15.25 9.47
N ASP A 40 18.99 15.70 10.43
CA ASP A 40 18.72 15.38 11.82
C ASP A 40 17.44 16.03 12.33
N GLU A 41 16.86 16.95 11.55
CA GLU A 41 15.57 17.54 11.87
C GLU A 41 14.44 16.91 11.07
N GLN A 42 14.69 15.80 10.42
CA GLN A 42 13.66 15.17 9.62
C GLN A 42 13.39 13.74 10.00
N ARG A 43 12.13 13.35 9.93
CA ARG A 43 11.76 11.96 10.13
C ARG A 43 10.97 11.59 8.89
N LEU A 44 11.31 10.49 8.23
CA LEU A 44 10.62 10.11 7.02
C LEU A 44 9.86 8.83 7.26
N TYR A 45 8.65 8.75 6.75
CA TYR A 45 7.80 7.61 7.01
C TYR A 45 7.17 6.94 5.82
N LYS A 46 6.98 5.63 5.89
CA LYS A 46 6.19 4.96 4.87
C LYS A 46 4.94 4.58 5.59
N ASP A 47 3.82 5.09 5.15
CA ASP A 47 2.57 4.87 5.85
C ASP A 47 2.85 5.34 7.28
N ASP A 48 2.59 4.51 8.27
CA ASP A 48 2.83 4.90 9.64
C ASP A 48 4.17 4.41 10.19
N GLN A 49 4.98 3.79 9.38
CA GLN A 49 6.24 3.25 9.86
C GLN A 49 7.42 4.16 9.59
N LEU A 50 8.14 4.53 10.64
CA LEU A 50 9.29 5.37 10.49
C LEU A 50 10.37 4.63 9.77
N LEU A 51 11.17 5.33 8.99
CA LEU A 51 12.16 4.67 8.18
C LEU A 51 13.57 4.93 8.62
N ASP A 52 14.38 3.88 8.68
CA ASP A 52 15.77 4.02 9.04
C ASP A 52 16.61 4.58 7.95
N ASP A 53 17.56 5.41 8.31
CA ASP A 53 18.44 6.09 7.35
C ASP A 53 19.29 5.17 6.53
N GLY A 54 19.76 4.11 7.12
CA GLY A 54 20.56 3.14 6.41
C GLY A 54 19.85 2.33 5.36
N LYS A 55 18.58 2.07 5.56
CA LYS A 55 17.83 1.26 4.63
C LYS A 55 17.67 1.87 3.27
N THR A 56 17.72 1.05 2.26
CA THR A 56 17.48 1.51 0.91
C THR A 56 15.99 1.75 0.70
N LEU A 57 15.65 2.57 -0.27
CA LEU A 57 14.27 2.87 -0.56
C LEU A 57 13.47 1.64 -0.96
N GLY A 58 14.09 0.78 -1.73
CA GLY A 58 13.43 -0.45 -2.12
C GLY A 58 13.11 -1.29 -0.91
N GLU A 59 14.03 -1.34 0.02
CA GLU A 59 13.85 -2.12 1.21
C GLU A 59 12.67 -1.60 1.97
N CYS A 60 12.49 -0.30 1.95
CA CYS A 60 11.36 0.32 2.60
C CYS A 60 10.08 0.06 1.81
N GLY A 61 10.20 -0.39 0.56
CA GLY A 61 9.02 -0.69 -0.21
C GLY A 61 8.70 0.24 -1.35
N PHE A 62 9.64 1.08 -1.70
CA PHE A 62 9.45 1.95 -2.83
C PHE A 62 10.12 1.30 -4.00
N THR A 63 9.33 0.88 -4.96
CA THR A 63 9.84 0.18 -6.13
C THR A 63 9.17 0.68 -7.38
N SER A 64 9.59 0.15 -8.50
CA SER A 64 9.01 0.54 -9.76
C SER A 64 7.53 0.30 -9.80
N GLN A 65 7.08 -0.78 -9.24
CA GLN A 65 5.67 -1.08 -9.19
C GLN A 65 4.87 -0.12 -8.33
N THR A 66 5.42 0.29 -7.21
CA THR A 66 4.70 1.17 -6.30
C THR A 66 4.98 2.66 -6.48
N ALA A 67 6.06 3.02 -7.16
CA ALA A 67 6.47 4.42 -7.27
C ALA A 67 6.74 4.80 -8.68
N ARG A 68 5.67 5.08 -9.40
CA ARG A 68 5.76 5.40 -10.79
C ARG A 68 5.51 6.88 -11.00
N PRO A 69 5.98 7.41 -12.12
CA PRO A 69 5.79 8.83 -12.42
C PRO A 69 4.32 9.25 -12.48
N GLN A 70 3.47 8.46 -13.12
CA GLN A 70 2.03 8.73 -13.20
C GLN A 70 1.30 8.49 -11.88
N ALA A 71 1.80 7.59 -11.08
CA ALA A 71 1.20 7.26 -9.82
C ALA A 71 2.29 7.20 -8.77
N PRO A 72 2.73 8.35 -8.29
CA PRO A 72 3.85 8.37 -7.37
C PRO A 72 3.60 7.80 -5.96
N ALA A 73 4.61 7.23 -5.32
CA ALA A 73 4.50 6.75 -3.93
C ALA A 73 4.66 7.85 -2.93
N THR A 74 3.92 7.80 -1.84
CA THR A 74 3.98 8.83 -0.85
C THR A 74 4.95 8.55 0.29
N VAL A 75 5.82 9.49 0.59
CA VAL A 75 6.72 9.37 1.70
C VAL A 75 6.31 10.42 2.69
N GLY A 76 6.00 10.02 3.90
CA GLY A 76 5.66 10.96 4.94
C GLY A 76 6.84 11.63 5.59
N LEU A 77 6.71 12.90 5.94
CA LEU A 77 7.79 13.65 6.56
C LEU A 77 7.40 14.40 7.81
N ALA A 78 8.19 14.30 8.86
CA ALA A 78 7.95 15.07 10.09
C ALA A 78 9.18 15.78 10.52
N PHE A 79 9.04 17.04 10.89
CA PHE A 79 10.15 17.87 11.30
C PHE A 79 10.23 18.03 12.81
N ARG A 80 11.42 18.33 13.31
CA ARG A 80 11.57 18.56 14.74
C ARG A 80 11.68 20.03 15.00
N ASP A 83 13.40 20.21 20.19
CA ASP A 83 13.99 18.95 20.61
C ASP A 83 13.02 17.79 20.48
N THR A 84 11.78 18.09 20.10
CA THR A 84 10.77 17.06 19.96
C THR A 84 10.27 17.00 18.53
N PHE A 85 10.17 15.79 17.99
CA PHE A 85 9.65 15.64 16.65
C PHE A 85 8.14 15.69 16.63
N GLU A 86 7.60 16.44 15.69
CA GLU A 86 6.18 16.57 15.59
C GLU A 86 5.56 15.29 15.19
N ALA A 87 4.26 15.20 15.35
CA ALA A 87 3.56 14.03 14.93
C ALA A 87 3.36 14.06 13.41
N LEU A 88 3.44 12.92 12.75
CA LEU A 88 3.21 12.86 11.31
C LEU A 88 1.78 13.30 11.01
N CYS A 89 1.65 14.36 10.21
CA CYS A 89 0.33 14.80 9.78
C CYS A 89 0.39 15.18 8.30
N ILE A 90 -0.44 14.55 7.49
CA ILE A 90 -0.60 14.83 6.06
C ILE A 90 -2.05 15.17 5.79
N GLU A 91 -2.31 16.40 5.38
CA GLU A 91 -3.66 16.82 5.04
C GLU A 91 -4.06 16.24 3.68
N PRO A 92 -5.26 15.66 3.57
CA PRO A 92 -5.65 15.08 2.28
C PRO A 92 -5.92 16.17 1.24
N PHE A 93 -5.90 15.73 -0.02
CA PHE A 93 -6.33 16.59 -1.12
C PHE A 93 -7.84 16.77 -1.05
N SER A 94 -8.32 17.80 -1.76
CA SER A 94 -9.74 18.07 -1.85
C SER A 94 -10.51 16.90 -2.49
N SER A 95 -11.86 16.97 -2.41
CA SER A 95 -12.73 15.89 -2.89
C SER A 95 -13.32 16.26 -4.23
N PRO A 96 -13.30 15.34 -5.20
CA PRO A 96 -13.88 15.66 -6.50
C PRO A 96 -15.40 15.87 -6.38
N PRO A 97 -15.97 16.71 -7.20
CA PRO A 97 -17.43 16.83 -7.22
C PRO A 97 -18.11 15.56 -7.72
N GLU A 98 -19.44 15.57 -7.64
CA GLU A 98 -20.21 14.46 -8.18
C GLU A 98 -20.12 14.46 -9.70
N LEU A 99 -20.13 13.27 -10.29
CA LEU A 99 -20.06 13.16 -11.74
C LEU A 99 -21.20 13.92 -12.40
N PRO A 100 -20.94 14.73 -13.42
CA PRO A 100 -22.06 15.27 -14.23
C PRO A 100 -22.90 14.14 -14.77
N ASP A 101 -24.19 14.40 -14.91
CA ASP A 101 -25.11 13.33 -15.28
C ASP A 101 -24.76 12.74 -16.64
N VAL A 102 -24.33 13.58 -17.59
CA VAL A 102 -23.98 13.07 -18.91
C VAL A 102 -22.73 12.20 -18.90
N MET A 103 -21.99 12.17 -17.80
CA MET A 103 -20.81 11.31 -17.67
C MET A 103 -21.15 10.03 -16.92
N LYS A 104 -22.40 9.81 -16.57
CA LYS A 104 -22.79 8.61 -15.84
C LYS A 104 -23.17 7.53 -16.84
N MET B 1 18.79 20.69 -8.10
CA MET B 1 18.12 21.28 -9.27
C MET B 1 17.20 22.40 -8.80
N MET B 2 16.65 23.17 -9.73
CA MET B 2 15.74 24.25 -9.36
C MET B 2 14.33 23.70 -9.14
N TYR B 3 13.66 24.19 -8.11
CA TYR B 3 12.28 23.81 -7.80
C TYR B 3 11.40 25.04 -7.76
N VAL B 4 10.13 24.86 -8.12
CA VAL B 4 9.14 25.91 -8.02
C VAL B 4 8.02 25.41 -7.13
N LYS B 5 7.23 26.34 -6.64
CA LYS B 5 6.10 26.02 -5.78
C LYS B 5 4.82 26.36 -6.54
N LEU B 6 3.93 25.38 -6.69
CA LEU B 6 2.62 25.61 -7.30
C LEU B 6 1.55 25.40 -6.23
N ILE B 7 0.66 26.35 -6.09
CA ILE B 7 -0.29 26.38 -4.98
C ILE B 7 -1.69 26.29 -5.52
N SER B 8 -2.47 25.37 -4.96
CA SER B 8 -3.83 25.13 -5.38
C SER B 8 -4.80 26.07 -4.69
N SER B 9 -6.03 26.07 -5.18
CA SER B 9 -7.03 26.98 -4.64
C SER B 9 -7.30 26.70 -3.16
N ASP B 10 -7.20 25.44 -2.74
CA ASP B 10 -7.45 25.05 -1.36
C ASP B 10 -6.18 25.12 -0.54
N GLY B 11 -5.12 25.72 -1.09
CA GLY B 11 -3.94 26.05 -0.31
C GLY B 11 -2.91 24.96 -0.22
N HIS B 12 -2.98 23.90 -1.03
CA HIS B 12 -1.92 22.91 -1.02
C HIS B 12 -0.72 23.45 -1.81
N GLU B 13 0.48 23.18 -1.31
CA GLU B 13 1.72 23.62 -1.94
C GLU B 13 2.42 22.43 -2.56
N PHE B 14 2.67 22.52 -3.85
CA PHE B 14 3.28 21.47 -4.64
C PHE B 14 4.65 21.96 -5.08
N ILE B 15 5.69 21.27 -4.65
CA ILE B 15 7.05 21.65 -4.99
C ILE B 15 7.56 20.68 -6.04
N VAL B 16 7.89 21.20 -7.21
CA VAL B 16 8.25 20.38 -8.37
C VAL B 16 9.47 20.99 -9.00
N LYS B 17 10.25 20.16 -9.70
CA LYS B 17 11.34 20.70 -10.50
C LYS B 17 10.87 21.69 -11.55
N ARG B 18 11.64 22.76 -11.67
CA ARG B 18 11.29 23.82 -12.61
C ARG B 18 11.20 23.27 -14.01
N GLU B 19 12.17 22.46 -14.41
CA GLU B 19 12.14 21.88 -15.75
C GLU B 19 10.84 21.13 -16.00
N HIS B 20 10.32 20.48 -14.96
CA HIS B 20 9.05 19.77 -15.09
C HIS B 20 7.89 20.73 -15.23
N ALA B 21 7.89 21.80 -14.42
CA ALA B 21 6.81 22.77 -14.48
C ALA B 21 6.77 23.50 -15.82
N LEU B 22 7.93 23.69 -16.44
CA LEU B 22 7.99 24.42 -17.70
C LEU B 22 7.39 23.63 -18.84
N THR B 23 7.02 22.38 -18.62
CA THR B 23 6.16 21.67 -19.56
C THR B 23 4.94 22.52 -19.94
N SER B 24 4.45 23.34 -19.04
CA SER B 24 3.31 24.22 -19.33
C SER B 24 3.82 25.60 -19.74
N GLY B 25 3.51 26.01 -20.96
CA GLY B 25 3.86 27.33 -21.40
C GLY B 25 3.20 28.38 -20.55
N THR B 26 1.99 28.11 -20.06
CA THR B 26 1.33 29.05 -19.15
C THR B 26 2.15 29.26 -17.90
N ILE B 27 2.62 28.19 -17.28
CA ILE B 27 3.37 28.33 -16.04
C ILE B 27 4.67 29.09 -16.30
N LYS B 28 5.34 28.79 -17.40
CA LYS B 28 6.57 29.50 -17.72
C LYS B 28 6.33 31.03 -17.78
N ALA B 29 5.25 31.44 -18.45
CA ALA B 29 4.89 32.86 -18.50
C ALA B 29 4.56 33.40 -17.11
N MET B 30 3.88 32.61 -16.29
CA MET B 30 3.53 33.09 -14.95
C MET B 30 4.77 33.22 -14.06
N LEU B 31 5.79 32.38 -14.32
CA LEU B 31 7.03 32.45 -13.55
C LEU B 31 7.91 33.60 -14.02
N SER B 32 7.76 33.98 -15.29
CA SER B 32 8.62 34.96 -15.93
C SER B 32 7.84 36.18 -16.34
N THR B 42 7.85 35.71 -8.27
CA THR B 42 8.78 34.90 -7.47
C THR B 42 8.95 33.52 -8.13
N ASN B 43 9.33 32.54 -7.30
CA ASN B 43 9.35 31.13 -7.70
C ASN B 43 8.07 30.38 -7.34
N GLU B 44 7.00 31.08 -7.00
CA GLU B 44 5.72 30.51 -6.58
C GLU B 44 4.64 30.95 -7.55
N VAL B 45 3.68 30.06 -7.79
CA VAL B 45 2.54 30.33 -8.66
C VAL B 45 1.30 29.87 -7.93
N ASN B 46 0.29 30.73 -7.85
CA ASN B 46 -1.00 30.42 -7.24
C ASN B 46 -2.03 30.18 -8.34
N PHE B 47 -2.77 29.12 -8.21
CA PHE B 47 -3.86 28.81 -9.14
C PHE B 47 -5.17 28.92 -8.36
N ARG B 48 -5.85 30.06 -8.51
CA ARG B 48 -7.09 30.32 -7.77
C ARG B 48 -8.23 29.44 -8.21
N GLU B 49 -8.14 28.79 -9.37
CA GLU B 49 -9.22 27.98 -9.90
C GLU B 49 -8.90 26.50 -9.97
N ILE B 50 -7.74 26.06 -9.51
CA ILE B 50 -7.36 24.64 -9.60
C ILE B 50 -7.22 24.04 -8.21
N PRO B 51 -8.13 23.18 -7.78
CA PRO B 51 -7.97 22.56 -6.46
C PRO B 51 -6.99 21.40 -6.49
N SER B 52 -6.62 20.96 -5.29
CA SER B 52 -5.49 20.04 -5.13
C SER B 52 -5.72 18.68 -5.77
N HIS B 53 -6.98 18.19 -5.78
CA HIS B 53 -7.25 16.91 -6.43
C HIS B 53 -7.06 16.99 -7.94
N VAL B 54 -6.99 18.19 -8.52
CA VAL B 54 -6.61 18.40 -9.93
C VAL B 54 -5.11 18.71 -10.04
N LEU B 55 -4.61 19.69 -9.27
CA LEU B 55 -3.23 20.11 -9.43
C LEU B 55 -2.25 19.02 -9.05
N SER B 56 -2.58 18.16 -8.10
CA SER B 56 -1.69 17.04 -7.85
C SER B 56 -1.54 16.18 -9.10
N LYS B 57 -2.66 15.95 -9.82
CA LYS B 57 -2.59 15.12 -11.02
C LYS B 57 -1.83 15.80 -12.15
N VAL B 58 -1.93 17.13 -12.26
CA VAL B 58 -1.12 17.87 -13.22
C VAL B 58 0.37 17.67 -12.96
N CYS B 59 0.80 17.69 -11.68
CA CYS B 59 2.22 17.50 -11.38
C CYS B 59 2.68 16.09 -11.71
N MET B 60 1.82 15.11 -11.47
CA MET B 60 2.13 13.76 -11.91
C MET B 60 2.30 13.70 -13.42
N TYR B 61 1.51 14.47 -14.16
CA TYR B 61 1.67 14.45 -15.61
C TYR B 61 3.01 15.04 -16.00
N PHE B 62 3.40 16.17 -15.36
CA PHE B 62 4.73 16.71 -15.63
C PHE B 62 5.81 15.62 -15.46
N THR B 63 5.77 14.89 -14.35
CA THR B 63 6.77 13.84 -14.13
C THR B 63 6.72 12.78 -15.23
N TYR B 64 5.49 12.35 -15.58
CA TYR B 64 5.26 11.37 -16.62
C TYR B 64 5.80 11.86 -17.96
N LYS B 65 5.51 13.10 -18.33
CA LYS B 65 5.95 13.58 -19.64
C LYS B 65 7.47 13.61 -19.73
N VAL B 66 8.15 14.12 -18.70
CA VAL B 66 9.61 14.22 -18.76
C VAL B 66 10.25 12.83 -18.79
N ARG B 67 9.70 11.89 -18.05
CA ARG B 67 10.34 10.58 -17.98
C ARG B 67 10.20 9.83 -19.30
N TYR B 68 9.03 9.88 -19.93
CA TYR B 68 8.77 8.99 -21.06
C TYR B 68 8.88 9.65 -22.42
N THR B 69 8.97 10.96 -22.49
CA THR B 69 9.17 11.59 -23.79
C THR B 69 10.52 11.19 -24.38
N ASN B 70 10.52 10.73 -25.63
CA ASN B 70 11.75 10.32 -26.32
C ASN B 70 12.44 9.16 -25.60
N SER B 71 11.63 8.25 -25.08
CA SER B 71 12.12 7.07 -24.39
C SER B 71 11.67 5.86 -25.19
N SER B 72 12.50 4.82 -25.16
CA SER B 72 12.16 3.60 -25.88
C SER B 72 11.54 2.53 -25.00
N THR B 73 11.63 2.65 -23.68
CA THR B 73 10.86 1.77 -22.81
C THR B 73 9.38 1.88 -23.19
N GLU B 74 8.63 0.81 -22.96
CA GLU B 74 7.21 0.89 -23.24
C GLU B 74 6.53 1.86 -22.28
N ILE B 75 5.58 2.63 -22.81
CA ILE B 75 5.01 3.79 -22.14
C ILE B 75 3.71 3.38 -21.49
N PRO B 76 3.55 3.57 -20.17
CA PRO B 76 2.28 3.25 -19.54
C PRO B 76 1.24 4.32 -19.83
N GLU B 77 -0.01 3.95 -19.67
CA GLU B 77 -1.07 4.92 -19.81
C GLU B 77 -1.03 5.92 -18.65
N PHE B 78 -1.33 7.19 -18.95
CA PHE B 78 -1.56 8.15 -17.92
C PHE B 78 -2.98 7.96 -17.38
N PRO B 79 -3.15 7.57 -16.11
CA PRO B 79 -4.49 7.28 -15.60
C PRO B 79 -5.23 8.53 -15.16
N ILE B 80 -6.54 8.55 -15.48
CA ILE B 80 -7.41 9.66 -15.09
C ILE B 80 -8.76 9.12 -14.62
N ALA B 81 -9.08 9.28 -13.34
CA ALA B 81 -10.37 8.84 -12.84
C ALA B 81 -11.50 9.65 -13.46
N PRO B 82 -12.63 9.03 -13.73
CA PRO B 82 -13.75 9.79 -14.30
C PRO B 82 -14.15 11.03 -13.52
N GLU B 83 -14.07 10.96 -12.19
CA GLU B 83 -14.54 12.03 -11.32
C GLU B 83 -13.67 13.27 -11.39
N ILE B 84 -12.43 13.16 -11.86
CA ILE B 84 -11.58 14.33 -12.05
C ILE B 84 -11.42 14.70 -13.51
N ALA B 85 -11.96 13.92 -14.45
CA ALA B 85 -11.60 14.09 -15.85
C ALA B 85 -11.99 15.46 -16.37
N LEU B 86 -13.18 15.94 -16.02
CA LEU B 86 -13.64 17.20 -16.60
C LEU B 86 -12.84 18.39 -16.06
N GLU B 87 -12.54 18.40 -14.76
CA GLU B 87 -11.77 19.51 -14.21
C GLU B 87 -10.33 19.45 -14.70
N LEU B 88 -9.77 18.27 -14.84
CA LEU B 88 -8.41 18.15 -15.35
C LEU B 88 -8.34 18.64 -16.80
N LEU B 89 -9.37 18.35 -17.61
CA LEU B 89 -9.44 18.86 -18.99
C LEU B 89 -9.44 20.38 -19.00
N MET B 90 -10.26 20.99 -18.17
CA MET B 90 -10.25 22.44 -18.06
C MET B 90 -8.89 22.98 -17.60
N ALA B 91 -8.23 22.34 -16.62
CA ALA B 91 -6.90 22.80 -16.21
C ALA B 91 -5.90 22.65 -17.36
N ALA B 92 -5.91 21.50 -18.05
CA ALA B 92 -4.99 21.26 -19.17
C ALA B 92 -5.18 22.26 -20.28
N ASN B 93 -6.44 22.59 -20.58
CA ASN B 93 -6.69 23.62 -21.59
C ASN B 93 -6.05 24.94 -21.18
N PHE B 94 -6.20 25.33 -19.92
CA PHE B 94 -5.66 26.60 -19.46
C PHE B 94 -4.15 26.57 -19.44
N LEU B 95 -3.55 25.47 -19.01
CA LEU B 95 -2.11 25.38 -18.87
C LEU B 95 -1.38 25.06 -20.17
N ASP B 96 -2.09 24.62 -21.20
CA ASP B 96 -1.52 24.30 -22.50
C ASP B 96 -0.46 23.19 -22.40
N CYS B 97 -0.87 22.08 -21.83
CA CYS B 97 0.06 20.95 -21.71
C CYS B 97 -0.61 19.64 -22.01
N VAL C 11 0.80 10.87 -51.99
CA VAL C 11 2.20 10.70 -51.79
C VAL C 11 2.44 9.56 -50.82
N LEU C 12 1.63 9.46 -49.77
CA LEU C 12 1.83 8.41 -48.80
C LEU C 12 1.07 7.20 -49.27
N ARG C 13 1.77 6.30 -49.90
CA ARG C 13 1.17 5.08 -50.40
C ARG C 13 2.16 3.97 -50.33
N SER C 14 1.69 2.74 -50.27
CA SER C 14 2.57 1.61 -50.30
C SER C 14 3.13 1.43 -51.70
N VAL C 15 4.35 0.93 -51.79
CA VAL C 15 4.94 0.64 -53.09
C VAL C 15 4.74 -0.81 -53.43
N ASN C 16 4.35 -1.11 -54.66
CA ASN C 16 4.06 -2.51 -55.06
C ASN C 16 5.40 -3.16 -55.40
N SER C 17 6.25 -3.33 -54.40
CA SER C 17 7.60 -3.94 -54.53
C SER C 17 7.49 -5.40 -54.93
N ARG C 18 6.53 -6.12 -54.38
CA ARG C 18 6.38 -7.59 -54.56
C ARG C 18 7.55 -8.28 -53.85
N GLU C 19 8.27 -7.59 -52.95
CA GLU C 19 9.38 -8.21 -52.21
C GLU C 19 8.94 -8.56 -50.80
N PRO C 20 8.82 -9.83 -50.45
CA PRO C 20 8.28 -10.19 -49.13
C PRO C 20 9.14 -9.68 -47.99
N SER C 21 8.45 -9.37 -46.90
CA SER C 21 9.13 -8.91 -45.70
C SER C 21 8.30 -9.45 -44.55
N GLN C 22 8.93 -10.21 -43.65
CA GLN C 22 8.24 -10.78 -42.49
C GLN C 22 8.41 -9.83 -41.31
N VAL C 23 7.32 -9.61 -40.57
CA VAL C 23 7.29 -8.60 -39.51
C VAL C 23 6.62 -9.19 -38.28
N ILE C 24 7.11 -8.83 -37.11
CA ILE C 24 6.40 -9.08 -35.87
C ILE C 24 5.66 -7.79 -35.51
N PHE C 25 4.34 -7.80 -35.55
CA PHE C 25 3.54 -6.72 -34.98
C PHE C 25 3.48 -6.99 -33.48
N CYS C 26 4.15 -6.18 -32.70
CA CYS C 26 4.26 -6.42 -31.25
C CYS C 26 3.56 -5.28 -30.53
N ASN C 27 2.44 -5.59 -29.90
CA ASN C 27 1.65 -4.59 -29.22
C ASN C 27 2.21 -4.41 -27.81
N ARG C 28 2.97 -3.34 -27.59
CA ARG C 28 3.50 -2.93 -26.29
C ARG C 28 2.69 -1.77 -25.71
N SER C 29 1.38 -1.80 -25.91
CA SER C 29 0.47 -0.75 -25.48
C SER C 29 -0.64 -1.40 -24.68
N PRO C 30 -1.36 -0.61 -23.87
CA PRO C 30 -2.54 -1.14 -23.18
C PRO C 30 -3.80 -1.17 -24.03
N ARG C 31 -3.74 -0.76 -25.28
CA ARG C 31 -4.90 -0.65 -26.14
C ARG C 31 -5.04 -1.88 -27.02
N VAL C 32 -6.28 -2.15 -27.44
CA VAL C 32 -6.51 -3.03 -28.59
C VAL C 32 -6.06 -2.27 -29.84
N VAL C 33 -5.13 -2.85 -30.59
CA VAL C 33 -4.52 -2.12 -31.71
C VAL C 33 -5.15 -2.55 -33.02
N LEU C 34 -5.48 -1.56 -33.87
CA LEU C 34 -5.88 -1.79 -35.25
C LEU C 34 -4.73 -1.46 -36.19
N PRO C 35 -4.13 -2.44 -36.87
CA PRO C 35 -3.13 -2.13 -37.92
C PRO C 35 -3.86 -1.60 -39.12
N VAL C 36 -3.30 -0.60 -39.77
CA VAL C 36 -3.88 0.04 -40.94
C VAL C 36 -2.84 0.03 -42.05
N TRP C 37 -3.15 -0.58 -43.18
CA TRP C 37 -2.26 -0.64 -44.33
C TRP C 37 -2.69 0.40 -45.37
N LEU C 38 -1.77 1.24 -45.79
CA LEU C 38 -2.08 2.16 -46.87
C LEU C 38 -1.90 1.44 -48.21
N ASN C 39 -2.98 1.32 -49.00
CA ASN C 39 -2.87 0.52 -50.20
C ASN C 39 -2.12 1.32 -51.27
N PHE C 40 -2.06 0.79 -52.48
CA PHE C 40 -1.24 1.39 -53.53
C PHE C 40 -1.81 2.72 -54.03
N ASP C 41 -3.07 3.03 -53.68
CA ASP C 41 -3.66 4.33 -53.94
C ASP C 41 -3.68 5.24 -52.70
N GLY C 42 -3.00 4.85 -51.63
CA GLY C 42 -2.99 5.65 -50.42
C GLY C 42 -4.22 5.53 -49.55
N GLU C 43 -5.10 4.63 -49.86
CA GLU C 43 -6.32 4.44 -49.10
C GLU C 43 -6.08 3.51 -47.92
N PRO C 44 -6.49 3.90 -46.71
CA PRO C 44 -6.19 3.05 -45.54
C PRO C 44 -7.09 1.84 -45.47
N GLN C 45 -6.52 0.66 -45.22
CA GLN C 45 -7.27 -0.59 -45.12
C GLN C 45 -7.08 -1.19 -43.73
N PRO C 46 -8.15 -1.57 -43.05
CA PRO C 46 -8.02 -2.10 -41.68
C PRO C 46 -7.62 -3.55 -41.71
N TYR C 47 -6.79 -3.96 -40.76
CA TYR C 47 -6.38 -5.36 -40.64
C TYR C 47 -6.87 -5.91 -39.31
N PRO C 48 -6.70 -7.20 -39.07
CA PRO C 48 -7.15 -7.75 -37.78
C PRO C 48 -6.51 -7.09 -36.57
N THR C 49 -7.30 -7.00 -35.49
CA THR C 49 -6.87 -6.27 -34.31
C THR C 49 -5.98 -7.15 -33.44
N LEU C 50 -5.11 -6.49 -32.70
CA LEU C 50 -4.27 -7.15 -31.73
C LEU C 50 -4.64 -6.76 -30.30
N PRO C 51 -4.98 -7.70 -29.42
CA PRO C 51 -5.23 -7.36 -28.02
C PRO C 51 -3.98 -6.86 -27.32
N PRO C 52 -4.16 -6.11 -26.23
CA PRO C 52 -3.00 -5.68 -25.43
C PRO C 52 -2.11 -6.85 -25.07
N GLY C 53 -0.81 -6.65 -25.16
CA GLY C 53 0.14 -7.65 -24.76
C GLY C 53 0.31 -8.82 -25.69
N THR C 54 -0.06 -8.68 -26.98
CA THR C 54 0.03 -9.78 -27.93
C THR C 54 0.99 -9.43 -29.07
N GLY C 55 1.51 -10.47 -29.71
CA GLY C 55 2.34 -10.32 -30.90
C GLY C 55 1.92 -11.29 -31.98
N ARG C 56 2.14 -10.90 -33.23
CA ARG C 56 1.84 -11.75 -34.37
C ARG C 56 2.90 -11.55 -35.44
N ARG C 57 3.37 -12.66 -36.00
CA ARG C 57 4.24 -12.65 -37.16
C ARG C 57 3.38 -12.58 -38.43
N ILE C 58 3.59 -11.54 -39.26
CA ILE C 58 2.74 -11.29 -40.41
C ILE C 58 3.59 -11.12 -41.67
N HIS C 59 2.97 -11.34 -42.82
CA HIS C 59 3.66 -11.24 -44.10
C HIS C 59 3.25 -9.95 -44.76
N SER C 60 4.25 -9.10 -45.00
CA SER C 60 4.09 -7.85 -45.69
C SER C 60 5.21 -7.74 -46.72
N TYR C 61 5.45 -6.52 -47.24
CA TYR C 61 6.37 -6.32 -48.35
C TYR C 61 7.17 -5.05 -48.10
N ARG C 62 8.40 -5.05 -48.62
CA ARG C 62 9.23 -3.87 -48.58
C ARG C 62 8.49 -2.71 -49.21
N GLY C 63 8.65 -1.53 -48.62
CA GLY C 63 8.06 -0.33 -49.18
C GLY C 63 6.60 -0.14 -48.83
N HIS C 64 5.98 -1.09 -48.15
CA HIS C 64 4.60 -0.94 -47.71
C HIS C 64 4.52 -0.07 -46.49
N LEU C 65 3.41 0.66 -46.38
CA LEU C 65 3.21 1.65 -45.32
C LEU C 65 2.09 1.20 -44.39
N TRP C 66 2.39 1.29 -43.09
CA TRP C 66 1.46 0.92 -42.06
C TRP C 66 1.36 1.97 -40.96
N LEU C 67 0.20 2.10 -40.38
CA LEU C 67 0.00 2.97 -39.24
C LEU C 67 -0.84 2.17 -38.23
N PHE C 68 -0.77 2.54 -36.97
CA PHE C 68 -1.48 1.83 -35.92
C PHE C 68 -2.34 2.72 -35.04
N ARG C 69 -3.54 2.27 -34.73
CA ARG C 69 -4.49 3.05 -33.98
C ARG C 69 -5.25 2.26 -32.94
N ASP C 70 -5.80 2.94 -31.95
CA ASP C 70 -6.66 2.24 -31.02
C ASP C 70 -7.84 1.79 -31.84
N ALA C 71 -8.21 0.54 -31.68
CA ALA C 71 -9.30 -0.05 -32.44
C ALA C 71 -10.68 0.59 -32.19
N GLY C 72 -10.95 0.94 -30.96
CA GLY C 72 -12.24 1.50 -30.63
C GLY C 72 -12.35 2.97 -30.74
N THR C 73 -11.28 3.70 -30.49
CA THR C 73 -11.33 5.16 -30.49
C THR C 73 -10.62 5.81 -31.65
N HIS C 74 -9.75 5.07 -32.36
CA HIS C 74 -8.85 5.60 -33.37
C HIS C 74 -7.81 6.59 -32.87
N ASP C 75 -7.60 6.71 -31.56
CA ASP C 75 -6.41 7.42 -31.10
C ASP C 75 -5.20 6.89 -31.86
N GLY C 76 -4.30 7.79 -32.23
CA GLY C 76 -3.07 7.38 -32.89
C GLY C 76 -2.03 6.76 -31.94
N LEU C 77 -1.34 5.75 -32.44
CA LEU C 77 -0.30 5.05 -31.69
C LEU C 77 1.01 5.23 -32.43
N LEU C 78 2.10 4.88 -31.75
CA LEU C 78 3.43 4.93 -32.35
C LEU C 78 3.94 3.53 -32.66
N VAL C 79 4.78 3.40 -33.68
CA VAL C 79 5.41 2.15 -34.06
C VAL C 79 6.90 2.40 -34.26
N ASN C 80 7.75 1.67 -33.53
CA ASN C 80 9.18 1.97 -33.44
C ASN C 80 9.42 3.48 -33.25
N GLN C 81 8.63 4.06 -32.36
CA GLN C 81 8.74 5.44 -31.90
C GLN C 81 8.37 6.47 -32.95
N THR C 82 7.69 6.09 -34.02
CA THR C 82 7.24 7.06 -35.01
C THR C 82 5.87 6.66 -35.54
N GLU C 83 5.37 7.45 -36.48
CA GLU C 83 3.97 7.31 -36.90
C GLU C 83 3.78 6.23 -37.95
N LEU C 84 4.73 6.11 -38.86
CA LEU C 84 4.68 5.19 -39.99
C LEU C 84 5.70 4.08 -39.85
N PHE C 85 5.31 2.88 -40.29
CA PHE C 85 6.21 1.73 -40.31
C PHE C 85 6.32 1.26 -41.75
N VAL C 86 7.55 1.09 -42.22
CA VAL C 86 7.80 0.58 -43.56
C VAL C 86 8.67 -0.67 -43.47
N PRO C 87 8.16 -1.87 -43.81
CA PRO C 87 9.00 -3.07 -43.77
C PRO C 87 10.17 -2.93 -44.73
N SER C 88 11.33 -3.33 -44.28
CA SER C 88 12.58 -3.38 -45.01
C SER C 88 12.94 -4.83 -45.29
N LEU C 89 14.17 -5.03 -45.74
CA LEU C 89 14.66 -6.36 -46.07
C LEU C 89 15.05 -7.13 -44.79
N ASN C 90 14.62 -8.38 -44.71
CA ASN C 90 14.93 -9.23 -43.57
C ASN C 90 16.38 -9.68 -43.63
N VAL C 91 17.10 -9.49 -42.54
CA VAL C 91 18.50 -9.88 -42.42
C VAL C 91 18.59 -11.14 -41.57
N ASP C 92 19.25 -12.16 -42.10
CA ASP C 92 19.48 -13.44 -41.43
C ASP C 92 18.23 -14.27 -41.27
N GLY C 93 17.17 -13.98 -42.02
CA GLY C 93 15.89 -14.58 -41.68
C GLY C 93 15.30 -14.10 -40.37
N GLN C 94 15.84 -13.00 -39.80
CA GLN C 94 15.20 -12.33 -38.67
C GLN C 94 13.98 -11.52 -39.14
N PRO C 95 12.87 -11.60 -38.41
CA PRO C 95 11.74 -10.73 -38.73
C PRO C 95 12.06 -9.32 -38.28
N ILE C 96 11.48 -8.36 -38.98
CA ILE C 96 11.53 -6.98 -38.52
C ILE C 96 10.50 -6.83 -37.40
N PHE C 97 10.90 -6.23 -36.29
CA PHE C 97 9.97 -5.95 -35.19
C PHE C 97 9.32 -4.58 -35.42
N ALA C 98 8.01 -4.53 -35.32
CA ALA C 98 7.25 -3.28 -35.31
C ALA C 98 6.63 -3.20 -33.91
N ASN C 99 7.31 -2.47 -33.02
CA ASN C 99 6.90 -2.32 -31.63
C ASN C 99 5.92 -1.18 -31.52
N ILE C 100 4.68 -1.51 -31.21
CA ILE C 100 3.61 -0.54 -31.16
C ILE C 100 3.45 -0.08 -29.73
N THR C 101 3.49 1.23 -29.51
CA THR C 101 3.44 1.81 -28.18
C THR C 101 2.52 3.02 -28.17
N LEU C 102 2.11 3.39 -26.95
CA LEU C 102 1.42 4.64 -26.73
C LEU C 102 2.38 5.79 -27.05
N PRO C 103 1.92 6.86 -27.66
CA PRO C 103 2.70 8.10 -27.59
C PRO C 103 2.59 8.66 -26.17
N VAL C 104 3.41 9.67 -25.88
CA VAL C 104 3.16 10.55 -24.74
C VAL C 104 2.14 11.58 -25.20
N TYR C 105 0.85 11.32 -24.95
CA TYR C 105 -0.18 12.28 -25.29
C TYR C 105 -0.01 13.55 -24.45
N THR C 106 -0.47 14.67 -24.97
CA THR C 106 -0.57 15.88 -24.15
C THR C 106 -1.64 15.61 -23.09
N LEU C 107 -1.55 16.33 -21.96
CA LEU C 107 -2.55 16.12 -20.92
C LEU C 107 -3.91 16.45 -21.47
N LYS C 108 -4.01 17.51 -22.28
CA LYS C 108 -5.31 17.88 -22.85
C LYS C 108 -5.86 16.75 -23.71
N GLU C 109 -5.05 16.19 -24.58
CA GLU C 109 -5.57 15.11 -25.45
C GLU C 109 -5.98 13.87 -24.65
N ARG C 110 -5.21 13.52 -23.62
CA ARG C 110 -5.59 12.41 -22.77
C ARG C 110 -6.87 12.69 -22.01
N CYS C 111 -7.05 13.90 -21.49
CA CYS C 111 -8.34 14.26 -20.90
C CYS C 111 -9.47 14.16 -21.93
N LEU C 112 -9.25 14.66 -23.15
CA LEU C 112 -10.27 14.52 -24.19
C LEU C 112 -10.62 13.06 -24.46
N GLN C 113 -9.60 12.19 -24.49
CA GLN C 113 -9.86 10.76 -24.67
C GLN C 113 -10.77 10.22 -23.59
N VAL C 114 -10.48 10.55 -22.33
CA VAL C 114 -11.28 9.98 -21.25
C VAL C 114 -12.70 10.53 -21.27
N VAL C 115 -12.86 11.81 -21.54
CA VAL C 115 -14.19 12.39 -21.54
C VAL C 115 -15.03 11.82 -22.68
N ARG C 116 -14.43 11.74 -23.88
CA ARG C 116 -15.14 11.09 -24.98
C ARG C 116 -15.55 9.67 -24.65
N SER C 117 -14.71 8.96 -23.86
CA SER C 117 -15.03 7.58 -23.50
C SER C 117 -16.23 7.51 -22.58
N LEU C 118 -16.60 8.63 -21.95
CA LEU C 118 -17.67 8.62 -20.96
C LEU C 118 -18.94 9.30 -21.46
N VAL C 119 -18.84 10.17 -22.44
CA VAL C 119 -19.95 11.04 -22.85
C VAL C 119 -20.28 10.74 -24.30
N LYS C 120 -21.54 10.50 -24.55
CA LYS C 120 -22.01 10.32 -25.91
C LYS C 120 -21.87 11.64 -26.65
N PRO C 121 -21.48 11.61 -27.92
CA PRO C 121 -21.22 12.87 -28.63
C PRO C 121 -22.39 13.83 -28.58
N GLU C 122 -23.61 13.31 -28.52
CA GLU C 122 -24.79 14.17 -28.49
C GLU C 122 -24.89 14.98 -27.21
N ASN C 123 -24.17 14.58 -26.16
CA ASN C 123 -24.21 15.26 -24.88
C ASN C 123 -22.96 16.09 -24.61
N TYR C 124 -22.03 16.20 -25.57
CA TYR C 124 -20.86 17.03 -25.32
C TYR C 124 -21.27 18.45 -24.93
N ARG C 125 -22.26 19.00 -25.64
CA ARG C 125 -22.67 20.40 -25.45
C ARG C 125 -23.45 20.61 -24.16
N ARG C 126 -23.80 19.56 -23.45
CA ARG C 126 -24.35 19.69 -22.11
C ARG C 126 -23.29 19.95 -21.05
N LEU C 127 -22.02 19.65 -21.32
CA LEU C 127 -20.97 19.84 -20.33
C LEU C 127 -20.74 21.33 -20.06
N ASP C 128 -20.47 21.68 -18.81
CA ASP C 128 -20.26 23.09 -18.45
C ASP C 128 -18.79 23.44 -18.63
N ILE C 129 -18.41 23.71 -19.88
CA ILE C 129 -17.05 24.07 -20.27
C ILE C 129 -17.14 25.06 -21.43
N VAL C 130 -16.02 25.72 -21.74
CA VAL C 130 -16.02 26.71 -22.79
C VAL C 130 -16.28 26.05 -24.12
N ARG C 131 -16.87 26.81 -25.05
CA ARG C 131 -17.32 26.27 -26.32
C ARG C 131 -16.17 25.70 -27.14
N SER C 132 -14.97 26.28 -27.05
CA SER C 132 -13.86 25.74 -27.82
C SER C 132 -13.56 24.29 -27.45
N LEU C 133 -13.83 23.89 -26.20
CA LEU C 133 -13.63 22.49 -25.78
C LEU C 133 -14.72 21.56 -26.30
N TYR C 134 -15.94 22.07 -26.57
CA TYR C 134 -16.91 21.28 -27.33
C TYR C 134 -16.36 20.90 -28.69
N GLU C 135 -15.77 21.87 -29.38
CA GLU C 135 -15.16 21.61 -30.67
C GLU C 135 -13.98 20.65 -30.58
N ASP C 136 -13.12 20.79 -29.56
CA ASP C 136 -12.01 19.86 -29.38
C ASP C 136 -12.52 18.45 -29.15
N LEU C 137 -13.54 18.29 -28.32
CA LEU C 137 -14.11 16.98 -28.10
C LEU C 137 -14.69 16.38 -29.38
N GLU C 138 -15.32 17.21 -30.22
CA GLU C 138 -15.95 16.73 -31.47
C GLU C 138 -14.92 16.42 -32.54
N ASP C 139 -13.72 16.95 -32.45
CA ASP C 139 -12.65 16.70 -33.42
C ASP C 139 -11.99 15.36 -33.11
N HIS C 140 -12.72 14.28 -33.32
CA HIS C 140 -12.19 12.98 -32.96
C HIS C 140 -10.95 12.62 -33.78
N PRO C 141 -10.05 11.83 -33.21
CA PRO C 141 -8.88 11.41 -34.00
C PRO C 141 -9.38 10.59 -35.18
N ASN C 142 -8.67 10.68 -36.28
CA ASN C 142 -9.06 9.86 -37.43
C ASN C 142 -7.88 9.80 -38.40
N VAL C 143 -7.77 8.68 -39.10
CA VAL C 143 -6.59 8.40 -39.90
C VAL C 143 -6.45 9.42 -41.03
N GLN C 144 -7.57 9.74 -41.70
CA GLN C 144 -7.51 10.56 -42.91
C GLN C 144 -6.86 11.91 -42.64
N LYS C 145 -7.21 12.57 -41.54
CA LYS C 145 -6.61 13.88 -41.26
C LYS C 145 -5.13 13.74 -40.98
N ASP C 146 -4.73 12.72 -40.23
CA ASP C 146 -3.31 12.56 -39.92
C ASP C 146 -2.51 12.29 -41.19
N LEU C 147 -3.08 11.57 -42.14
CA LEU C 147 -2.37 11.36 -43.41
C LEU C 147 -2.11 12.68 -44.10
N GLU C 148 -3.08 13.58 -44.09
CA GLU C 148 -2.91 14.91 -44.70
C GLU C 148 -1.85 15.70 -43.97
N ARG C 149 -1.83 15.64 -42.63
CA ARG C 149 -0.79 16.31 -41.88
C ARG C 149 0.58 15.75 -42.25
N LEU C 150 0.69 14.43 -42.33
CA LEU C 150 1.96 13.79 -42.64
C LEU C 150 2.41 14.10 -44.07
N THR C 151 1.47 14.12 -45.01
CA THR C 151 1.82 14.45 -46.39
C THR C 151 2.44 15.84 -46.49
N GLN C 152 1.82 16.83 -45.83
CA GLN C 152 2.33 18.20 -45.87
C GLN C 152 3.70 18.31 -45.22
N GLU C 153 3.91 17.60 -44.11
CA GLU C 153 5.23 17.63 -43.46
C GLU C 153 6.34 17.35 -44.48
N MET D 1 11.79 -14.55 3.71
CA MET D 1 10.99 -13.55 4.51
C MET D 1 9.52 -13.68 4.13
N ASP D 2 8.68 -13.90 5.15
CA ASP D 2 7.26 -14.05 4.92
C ASP D 2 6.59 -12.68 4.88
N VAL D 3 5.57 -12.53 4.03
CA VAL D 3 4.70 -11.37 4.08
C VAL D 3 3.28 -11.89 4.28
N PHE D 4 2.47 -11.08 4.95
CA PHE D 4 1.14 -11.48 5.39
C PHE D 4 0.15 -10.52 4.74
N LEU D 5 -0.86 -11.13 4.08
CA LEU D 5 -1.70 -10.43 3.12
C LEU D 5 -3.18 -10.65 3.42
N MET D 6 -3.99 -9.68 3.00
CA MET D 6 -5.43 -9.84 2.80
C MET D 6 -5.71 -9.58 1.32
N ILE D 7 -6.15 -10.62 0.59
CA ILE D 7 -6.52 -10.49 -0.83
C ILE D 7 -8.02 -10.24 -0.87
N ARG D 8 -8.43 -9.04 -1.26
CA ARG D 8 -9.79 -8.59 -1.10
C ARG D 8 -10.45 -8.26 -2.43
N ARG D 9 -11.69 -8.74 -2.59
CA ARG D 9 -12.54 -8.42 -3.75
C ARG D 9 -13.97 -8.37 -3.27
N HIS D 10 -14.64 -7.25 -3.49
CA HIS D 10 -16.03 -7.10 -3.08
C HIS D 10 -16.17 -7.37 -1.59
N LYS D 11 -16.83 -8.44 -1.19
CA LYS D 11 -17.05 -8.78 0.21
C LYS D 11 -16.30 -10.05 0.58
N THR D 12 -15.25 -10.38 -0.14
CA THR D 12 -14.41 -11.54 0.12
C THR D 12 -13.03 -11.04 0.53
N THR D 13 -12.46 -11.64 1.58
CA THR D 13 -11.10 -11.34 2.05
C THR D 13 -10.43 -12.68 2.32
N ILE D 14 -9.30 -12.92 1.65
CA ILE D 14 -8.50 -14.11 1.87
C ILE D 14 -7.27 -13.73 2.71
N PHE D 15 -7.10 -14.44 3.83
CA PHE D 15 -5.93 -14.26 4.69
C PHE D 15 -4.90 -15.33 4.32
N THR D 16 -3.70 -14.89 3.91
CA THR D 16 -2.64 -15.84 3.61
C THR D 16 -1.28 -15.16 3.70
N ASP D 17 -0.26 -16.00 3.72
CA ASP D 17 1.11 -15.51 3.70
C ASP D 17 1.80 -16.05 2.46
N ALA D 18 2.92 -15.44 2.10
CA ALA D 18 3.71 -15.83 0.95
C ALA D 18 5.12 -15.35 1.16
N LYS D 19 6.03 -15.80 0.31
CA LYS D 19 7.41 -15.36 0.38
C LYS D 19 7.57 -14.01 -0.30
N GLU D 20 8.48 -13.22 0.23
CA GLU D 20 8.89 -11.99 -0.45
C GLU D 20 9.41 -12.29 -1.86
N SER D 21 10.01 -13.46 -2.06
CA SER D 21 10.55 -13.85 -3.36
C SER D 21 9.50 -14.50 -4.26
N SER D 22 8.34 -14.90 -3.75
CA SER D 22 7.34 -15.48 -4.60
C SER D 22 6.74 -14.38 -5.49
N THR D 23 6.08 -14.81 -6.56
CA THR D 23 5.66 -13.87 -7.59
C THR D 23 4.17 -13.60 -7.53
N VAL D 24 3.79 -12.47 -8.13
CA VAL D 24 2.39 -12.13 -8.33
C VAL D 24 1.62 -13.26 -9.01
N PHE D 25 2.22 -13.86 -10.05
CA PHE D 25 1.57 -14.98 -10.71
C PHE D 25 1.32 -16.12 -9.74
N GLU D 26 2.33 -16.49 -8.94
CA GLU D 26 2.15 -17.53 -7.92
C GLU D 26 1.05 -17.16 -6.91
N LEU D 27 0.87 -15.87 -6.65
CA LEU D 27 -0.23 -15.44 -5.78
C LEU D 27 -1.56 -15.62 -6.50
N LYS D 28 -1.59 -15.33 -7.80
CA LYS D 28 -2.83 -15.64 -8.53
C LYS D 28 -3.17 -17.12 -8.50
N ARG D 29 -2.17 -17.99 -8.51
CA ARG D 29 -2.44 -19.42 -8.37
C ARG D 29 -3.10 -19.74 -7.02
N ILE D 30 -2.65 -19.10 -5.94
CA ILE D 30 -3.30 -19.31 -4.66
C ILE D 30 -4.79 -18.94 -4.78
N VAL D 31 -5.05 -17.77 -5.37
CA VAL D 31 -6.41 -17.29 -5.53
C VAL D 31 -7.26 -18.27 -6.33
N GLU D 32 -6.65 -18.96 -7.30
CA GLU D 32 -7.40 -19.89 -8.16
C GLU D 32 -7.83 -21.11 -7.37
N GLY D 33 -6.90 -21.72 -6.63
CA GLY D 33 -7.24 -22.86 -5.80
C GLY D 33 -8.36 -22.59 -4.81
N ILE D 34 -8.54 -21.33 -4.44
CA ILE D 34 -9.57 -20.96 -3.46
C ILE D 34 -10.84 -20.49 -4.15
N LEU D 35 -10.72 -19.53 -5.07
CA LEU D 35 -11.89 -18.95 -5.69
C LEU D 35 -12.20 -19.53 -7.06
N LYS D 36 -11.40 -20.49 -7.54
CA LYS D 36 -11.66 -21.26 -8.76
C LYS D 36 -11.78 -20.36 -10.00
N ARG D 37 -10.86 -19.42 -10.15
CA ARG D 37 -10.71 -18.63 -11.36
C ARG D 37 -9.24 -18.65 -11.76
N PRO D 38 -8.94 -18.75 -13.07
CA PRO D 38 -7.54 -18.90 -13.51
C PRO D 38 -6.81 -17.56 -13.43
N PRO D 39 -5.48 -17.60 -13.43
CA PRO D 39 -4.73 -16.34 -13.35
C PRO D 39 -5.07 -15.33 -14.45
N ASP D 40 -5.29 -15.77 -15.68
CA ASP D 40 -5.57 -14.81 -16.75
C ASP D 40 -6.93 -14.12 -16.60
N GLU D 41 -7.76 -14.57 -15.67
CA GLU D 41 -9.00 -13.87 -15.33
C GLU D 41 -8.88 -13.01 -14.06
N GLN D 42 -7.66 -12.77 -13.58
CA GLN D 42 -7.44 -12.01 -12.37
C GLN D 42 -6.56 -10.80 -12.65
N ARG D 43 -6.84 -9.72 -11.93
CA ARG D 43 -5.92 -8.59 -11.82
C ARG D 43 -5.69 -8.32 -10.34
N LEU D 44 -4.42 -8.25 -9.93
CA LEU D 44 -4.05 -7.94 -8.55
C LEU D 44 -3.41 -6.56 -8.47
N TYR D 45 -3.77 -5.82 -7.41
CA TYR D 45 -3.43 -4.42 -7.24
C TYR D 45 -2.81 -4.18 -5.86
N LYS D 46 -1.84 -3.27 -5.79
CA LYS D 46 -1.44 -2.69 -4.51
C LYS D 46 -1.78 -1.21 -4.55
N ASP D 47 -2.72 -0.78 -3.71
CA ASP D 47 -3.12 0.62 -3.64
C ASP D 47 -3.39 1.21 -5.02
N ASP D 48 -4.25 0.52 -5.77
CA ASP D 48 -4.70 0.93 -7.10
C ASP D 48 -3.64 0.80 -8.19
N GLN D 49 -2.49 0.18 -7.92
CA GLN D 49 -1.47 -0.02 -8.93
C GLN D 49 -1.54 -1.46 -9.42
N LEU D 50 -1.81 -1.66 -10.71
CA LEU D 50 -1.84 -3.02 -11.25
C LEU D 50 -0.44 -3.63 -11.19
N LEU D 51 -0.38 -4.91 -10.80
CA LEU D 51 0.87 -5.59 -10.55
C LEU D 51 1.15 -6.58 -11.67
N ASP D 52 2.40 -6.61 -12.12
CA ASP D 52 2.86 -7.51 -13.16
C ASP D 52 3.11 -8.93 -12.63
N ASP D 53 2.69 -9.92 -13.42
CA ASP D 53 2.77 -11.32 -13.01
C ASP D 53 4.20 -11.76 -12.70
N GLY D 54 5.18 -11.23 -13.43
CA GLY D 54 6.54 -11.70 -13.25
C GLY D 54 7.27 -11.11 -12.05
N LYS D 55 6.75 -10.05 -11.45
CA LYS D 55 7.45 -9.41 -10.33
C LYS D 55 7.29 -10.20 -9.04
N THR D 56 8.30 -10.15 -8.20
CA THR D 56 8.16 -10.71 -6.88
C THR D 56 7.33 -9.76 -6.01
N LEU D 57 6.78 -10.30 -4.92
CA LEU D 57 6.03 -9.45 -3.99
C LEU D 57 6.94 -8.38 -3.37
N GLY D 58 8.21 -8.72 -3.09
CA GLY D 58 9.17 -7.70 -2.65
C GLY D 58 9.32 -6.58 -3.67
N GLU D 59 9.44 -6.94 -4.96
CA GLU D 59 9.48 -5.94 -6.01
C GLU D 59 8.17 -5.17 -6.14
N CYS D 60 7.09 -5.70 -5.62
CA CYS D 60 5.83 -4.98 -5.56
C CYS D 60 5.66 -4.15 -4.28
N GLY D 61 6.59 -4.20 -3.35
CA GLY D 61 6.52 -3.34 -2.18
C GLY D 61 5.98 -4.01 -0.94
N PHE D 62 5.86 -5.33 -0.94
CA PHE D 62 5.44 -6.09 0.22
C PHE D 62 6.68 -6.57 0.96
N THR D 63 6.84 -6.07 2.17
CA THR D 63 8.00 -6.38 2.99
C THR D 63 7.52 -6.84 4.36
N SER D 64 8.46 -7.36 5.16
CA SER D 64 8.13 -7.72 6.54
C SER D 64 7.51 -6.55 7.31
N GLN D 65 7.90 -5.31 7.01
CA GLN D 65 7.35 -4.17 7.75
C GLN D 65 6.02 -3.69 7.18
N THR D 66 5.83 -3.80 5.88
CA THR D 66 4.59 -3.30 5.30
C THR D 66 3.46 -4.31 5.42
N ALA D 67 3.79 -5.61 5.72
CA ALA D 67 2.83 -6.70 5.59
C ALA D 67 3.08 -7.66 6.76
N ARG D 68 2.55 -7.29 7.94
CA ARG D 68 2.74 -7.97 9.21
C ARG D 68 1.52 -8.77 9.58
N PRO D 69 1.68 -9.84 10.39
CA PRO D 69 0.56 -10.72 10.75
C PRO D 69 -0.58 -9.95 11.44
N GLN D 70 -0.27 -9.09 12.40
CA GLN D 70 -1.27 -8.28 13.14
C GLN D 70 -1.83 -7.20 12.23
N ALA D 71 -1.08 -6.76 11.22
CA ALA D 71 -1.48 -5.67 10.30
C ALA D 71 -1.15 -6.07 8.86
N PRO D 72 -1.93 -6.99 8.26
CA PRO D 72 -1.61 -7.46 6.93
C PRO D 72 -1.75 -6.42 5.82
N ALA D 73 -0.95 -6.53 4.76
CA ALA D 73 -1.06 -5.65 3.60
C ALA D 73 -2.21 -6.13 2.71
N THR D 74 -2.91 -5.17 2.11
CA THR D 74 -4.07 -5.47 1.29
C THR D 74 -3.66 -5.62 -0.17
N VAL D 75 -4.07 -6.74 -0.76
CA VAL D 75 -3.96 -6.97 -2.20
C VAL D 75 -5.35 -6.87 -2.79
N GLY D 76 -5.56 -5.92 -3.69
CA GLY D 76 -6.84 -5.82 -4.40
C GLY D 76 -6.92 -6.83 -5.52
N LEU D 77 -8.13 -7.35 -5.74
CA LEU D 77 -8.35 -8.39 -6.72
C LEU D 77 -9.57 -8.03 -7.58
N ALA D 78 -9.41 -8.13 -8.89
CA ALA D 78 -10.50 -7.89 -9.83
C ALA D 78 -10.58 -9.03 -10.84
N PHE D 79 -11.80 -9.44 -11.16
CA PHE D 79 -12.09 -10.56 -12.03
C PHE D 79 -12.53 -10.04 -13.38
N ARG D 80 -12.29 -10.86 -14.39
CA ARG D 80 -12.69 -10.54 -15.78
C ARG D 80 -13.91 -11.38 -16.13
N ALA D 81 -15.05 -10.74 -16.36
CA ALA D 81 -16.26 -11.44 -16.84
C ALA D 81 -16.26 -11.31 -18.35
N ASP D 82 -16.07 -12.42 -19.06
CA ASP D 82 -16.00 -12.39 -20.54
C ASP D 82 -14.86 -11.48 -21.00
N ASP D 83 -15.12 -10.56 -21.92
CA ASP D 83 -14.10 -9.69 -22.54
C ASP D 83 -13.41 -8.69 -21.61
N THR D 84 -14.13 -8.05 -20.69
CA THR D 84 -13.57 -6.92 -19.92
C THR D 84 -13.39 -7.20 -18.43
N PHE D 85 -12.25 -6.79 -17.88
CA PHE D 85 -12.03 -6.84 -16.45
C PHE D 85 -12.94 -5.81 -15.76
N GLU D 86 -13.54 -6.20 -14.63
CA GLU D 86 -14.31 -5.24 -13.85
C GLU D 86 -13.39 -4.19 -13.25
N ALA D 87 -13.98 -3.08 -12.79
CA ALA D 87 -13.24 -2.09 -12.03
C ALA D 87 -13.05 -2.58 -10.60
N LEU D 88 -11.84 -2.41 -10.07
CA LEU D 88 -11.54 -2.91 -8.73
C LEU D 88 -12.53 -2.36 -7.72
N CYS D 89 -13.15 -3.25 -6.97
CA CYS D 89 -14.10 -2.85 -5.92
C CYS D 89 -13.84 -3.65 -4.65
N ILE D 90 -13.57 -2.94 -3.57
CA ILE D 90 -13.39 -3.53 -2.25
C ILE D 90 -14.43 -2.89 -1.35
N GLU D 91 -15.38 -3.69 -0.84
CA GLU D 91 -16.39 -3.14 0.05
C GLU D 91 -15.77 -2.97 1.43
N PRO D 92 -15.84 -1.80 2.03
CA PRO D 92 -15.21 -1.63 3.34
C PRO D 92 -15.91 -2.45 4.40
N PHE D 93 -15.17 -2.71 5.47
CA PHE D 93 -15.76 -3.38 6.62
C PHE D 93 -16.81 -2.48 7.25
N SER D 94 -17.64 -3.05 8.10
CA SER D 94 -18.68 -2.26 8.74
C SER D 94 -18.04 -1.15 9.56
N SER D 95 -18.84 -0.20 9.97
CA SER D 95 -18.23 0.91 10.69
C SER D 95 -18.43 0.73 12.19
N PRO D 96 -17.41 0.98 12.99
CA PRO D 96 -17.56 0.77 14.43
C PRO D 96 -18.62 1.67 15.00
N PRO D 97 -19.32 1.22 16.05
CA PRO D 97 -20.27 2.12 16.72
C PRO D 97 -19.57 3.31 17.33
N GLU D 98 -20.39 4.27 17.75
CA GLU D 98 -19.84 5.42 18.45
C GLU D 98 -19.28 4.97 19.79
N LEU D 99 -18.18 5.57 20.21
CA LEU D 99 -17.58 5.20 21.48
C LEU D 99 -18.61 5.44 22.59
N PRO D 100 -18.85 4.45 23.45
CA PRO D 100 -19.66 4.72 24.65
C PRO D 100 -19.02 5.85 25.46
N ASP D 101 -19.87 6.62 26.12
CA ASP D 101 -19.37 7.81 26.80
C ASP D 101 -18.38 7.45 27.91
N VAL D 102 -18.56 6.28 28.54
CA VAL D 102 -17.63 5.87 29.59
C VAL D 102 -16.24 5.50 29.07
N MET D 103 -16.07 5.35 27.75
CA MET D 103 -14.77 5.03 27.18
C MET D 103 -14.00 6.28 26.75
N MET E 1 -3.42 -27.34 1.13
CA MET E 1 -3.68 -26.33 2.16
C MET E 1 -5.18 -26.09 2.28
N MET E 2 -5.76 -26.53 3.41
CA MET E 2 -7.18 -26.40 3.66
C MET E 2 -7.54 -25.06 4.27
N TYR E 3 -8.61 -24.47 3.75
CA TYR E 3 -9.12 -23.19 4.20
C TYR E 3 -10.56 -23.36 4.66
N VAL E 4 -11.00 -22.46 5.55
CA VAL E 4 -12.39 -22.42 5.98
C VAL E 4 -12.88 -21.00 5.72
N LYS E 5 -14.20 -20.85 5.65
CA LYS E 5 -14.83 -19.56 5.43
C LYS E 5 -15.59 -19.13 6.65
N LEU E 6 -15.27 -17.94 7.17
CA LEU E 6 -15.95 -17.34 8.31
C LEU E 6 -16.71 -16.12 7.80
N ILE E 7 -18.00 -16.01 8.15
CA ILE E 7 -18.88 -15.02 7.56
C ILE E 7 -19.41 -14.11 8.65
N SER E 8 -19.26 -12.82 8.46
CA SER E 8 -19.68 -11.88 9.48
C SER E 8 -21.18 -11.64 9.38
N SER E 9 -21.70 -10.95 10.40
CA SER E 9 -23.12 -10.67 10.44
C SER E 9 -23.56 -9.81 9.26
N ASP E 10 -22.69 -8.94 8.76
CA ASP E 10 -23.00 -8.09 7.62
C ASP E 10 -22.60 -8.71 6.30
N GLY E 11 -22.27 -10.00 6.28
CA GLY E 11 -22.09 -10.70 5.02
C GLY E 11 -20.69 -10.66 4.41
N HIS E 12 -19.67 -10.17 5.13
CA HIS E 12 -18.31 -10.27 4.62
C HIS E 12 -17.85 -11.71 4.81
N GLU E 13 -17.14 -12.22 3.84
CA GLU E 13 -16.65 -13.60 3.85
C GLU E 13 -15.14 -13.56 4.07
N PHE E 14 -14.66 -14.25 5.11
CA PHE E 14 -13.24 -14.30 5.45
C PHE E 14 -12.74 -15.71 5.23
N ILE E 15 -11.76 -15.88 4.35
CA ILE E 15 -11.24 -17.19 4.03
C ILE E 15 -9.89 -17.31 4.71
N VAL E 16 -9.79 -18.25 5.67
CA VAL E 16 -8.57 -18.39 6.45
C VAL E 16 -8.16 -19.84 6.47
N LYS E 17 -6.85 -20.07 6.67
CA LYS E 17 -6.34 -21.43 6.83
C LYS E 17 -7.00 -22.13 8.02
N ARG E 18 -7.34 -23.41 7.83
CA ARG E 18 -8.01 -24.14 8.89
C ARG E 18 -7.18 -24.14 10.17
N GLU E 19 -5.88 -24.42 10.06
CA GLU E 19 -5.03 -24.46 11.23
C GLU E 19 -5.10 -23.16 12.01
N HIS E 20 -5.19 -22.03 11.31
CA HIS E 20 -5.32 -20.76 11.99
C HIS E 20 -6.68 -20.64 12.67
N ALA E 21 -7.74 -21.08 11.99
CA ALA E 21 -9.08 -20.97 12.55
C ALA E 21 -9.22 -21.79 13.83
N LEU E 22 -8.53 -22.92 13.92
CA LEU E 22 -8.59 -23.79 15.08
C LEU E 22 -7.95 -23.18 16.31
N THR E 23 -7.30 -22.02 16.19
CA THR E 23 -6.92 -21.23 17.34
C THR E 23 -8.11 -21.05 18.28
N SER E 24 -9.31 -20.96 17.76
CA SER E 24 -10.52 -20.83 18.56
C SER E 24 -11.13 -22.20 18.79
N GLY E 25 -11.20 -22.64 20.04
CA GLY E 25 -11.86 -23.90 20.34
C GLY E 25 -13.33 -23.89 19.95
N THR E 26 -13.96 -22.72 20.04
CA THR E 26 -15.34 -22.60 19.60
C THR E 26 -15.46 -22.88 18.10
N ILE E 27 -14.59 -22.28 17.30
CA ILE E 27 -14.65 -22.52 15.85
C ILE E 27 -14.41 -24.00 15.55
N LYS E 28 -13.48 -24.62 16.27
CA LYS E 28 -13.24 -26.04 16.08
C LYS E 28 -14.50 -26.87 16.34
N ALA E 29 -15.22 -26.57 17.43
CA ALA E 29 -16.45 -27.31 17.69
C ALA E 29 -17.48 -27.09 16.59
N MET E 30 -17.59 -25.86 16.08
CA MET E 30 -18.61 -25.60 15.07
C MET E 30 -18.32 -26.38 13.80
N LEU E 31 -17.05 -26.69 13.54
CA LEU E 31 -16.70 -27.46 12.35
C LEU E 31 -17.01 -28.93 12.54
N SER E 32 -17.03 -29.40 13.79
CA SER E 32 -17.28 -30.82 14.09
C SER E 32 -18.59 -30.95 14.88
N ASN E 43 -17.33 -26.60 6.46
CA ASN E 43 -16.22 -25.79 6.00
C ASN E 43 -16.53 -24.31 6.01
N GLU E 44 -17.76 -23.98 6.39
CA GLU E 44 -18.19 -22.59 6.55
C GLU E 44 -18.75 -22.40 7.96
N VAL E 45 -18.58 -21.19 8.50
CA VAL E 45 -19.18 -20.82 9.78
C VAL E 45 -19.81 -19.45 9.63
N ASN E 46 -21.05 -19.32 10.05
CA ASN E 46 -21.73 -18.04 10.11
C ASN E 46 -21.74 -17.49 11.53
N PHE E 47 -21.33 -16.24 11.69
CA PHE E 47 -21.37 -15.54 12.97
C PHE E 47 -22.37 -14.42 12.83
N ARG E 48 -23.62 -14.70 13.23
CA ARG E 48 -24.75 -13.81 13.09
C ARG E 48 -24.60 -12.58 13.95
N GLU E 49 -23.66 -12.59 14.90
CA GLU E 49 -23.49 -11.47 15.82
C GLU E 49 -22.14 -10.76 15.73
N ILE E 50 -21.25 -11.15 14.84
CA ILE E 50 -19.94 -10.52 14.78
C ILE E 50 -19.83 -9.77 13.46
N PRO E 51 -19.83 -8.44 13.48
CA PRO E 51 -19.69 -7.67 12.23
C PRO E 51 -18.25 -7.70 11.74
N SER E 52 -18.08 -7.27 10.47
CA SER E 52 -16.81 -7.48 9.75
C SER E 52 -15.68 -6.65 10.35
N HIS E 53 -15.94 -5.46 10.89
CA HIS E 53 -14.84 -4.74 11.56
C HIS E 53 -14.36 -5.43 12.84
N VAL E 54 -15.09 -6.45 13.31
CA VAL E 54 -14.62 -7.29 14.41
C VAL E 54 -13.97 -8.56 13.91
N LEU E 55 -14.66 -9.27 13.03
CA LEU E 55 -14.19 -10.57 12.56
C LEU E 55 -12.91 -10.45 11.75
N SER E 56 -12.70 -9.32 11.07
CA SER E 56 -11.42 -9.18 10.37
C SER E 56 -10.27 -9.13 11.38
N LYS E 57 -10.47 -8.42 12.50
CA LYS E 57 -9.41 -8.35 13.51
C LYS E 57 -9.22 -9.69 14.19
N VAL E 58 -10.29 -10.45 14.39
CA VAL E 58 -10.13 -11.80 14.91
C VAL E 58 -9.21 -12.61 14.01
N CYS E 59 -9.38 -12.51 12.68
CA CYS E 59 -8.54 -13.28 11.78
C CYS E 59 -7.10 -12.82 11.81
N MET E 60 -6.88 -11.52 11.91
CA MET E 60 -5.54 -11.00 12.11
C MET E 60 -4.93 -11.58 13.38
N TYR E 61 -5.73 -11.78 14.44
CA TYR E 61 -5.19 -12.33 15.69
C TYR E 61 -4.76 -13.78 15.50
N PHE E 62 -5.58 -14.55 14.77
CA PHE E 62 -5.20 -15.92 14.45
C PHE E 62 -3.82 -15.95 13.80
N THR E 63 -3.57 -15.06 12.81
CA THR E 63 -2.27 -15.06 12.11
C THR E 63 -1.16 -14.67 13.06
N TYR E 64 -1.41 -13.66 13.89
CA TYR E 64 -0.45 -13.21 14.89
C TYR E 64 -0.10 -14.32 15.87
N LYS E 65 -1.10 -15.03 16.38
CA LYS E 65 -0.82 -16.08 17.36
C LYS E 65 0.01 -17.19 16.71
N VAL E 66 -0.36 -17.61 15.50
CA VAL E 66 0.31 -18.75 14.88
C VAL E 66 1.75 -18.43 14.61
N ARG E 67 2.02 -17.18 14.22
CA ARG E 67 3.38 -16.79 13.85
C ARG E 67 4.27 -16.59 15.07
N TYR E 68 3.76 -15.96 16.12
CA TYR E 68 4.63 -15.54 17.22
C TYR E 68 4.62 -16.47 18.42
N THR E 69 3.71 -17.43 18.47
CA THR E 69 3.75 -18.44 19.51
C THR E 69 5.02 -19.28 19.35
N ASN E 70 5.74 -19.44 20.46
CA ASN E 70 6.95 -20.27 20.49
C ASN E 70 8.05 -19.74 19.58
N SER E 71 8.15 -18.41 19.50
CA SER E 71 9.24 -17.75 18.79
C SER E 71 9.99 -16.86 19.77
N SER E 72 11.31 -16.73 19.56
CA SER E 72 12.14 -15.88 20.40
C SER E 72 12.35 -14.49 19.80
N THR E 73 11.94 -14.29 18.54
CA THR E 73 11.92 -12.94 17.98
C THR E 73 11.16 -12.02 18.93
N GLU E 74 11.47 -10.72 18.86
CA GLU E 74 10.75 -9.77 19.68
C GLU E 74 9.29 -9.75 19.22
N ILE E 75 8.38 -9.73 20.19
CA ILE E 75 6.96 -9.89 19.90
C ILE E 75 6.37 -8.48 19.88
N PRO E 76 5.72 -8.06 18.80
CA PRO E 76 5.09 -6.75 18.77
C PRO E 76 3.73 -6.82 19.46
N GLU E 77 3.16 -5.65 19.79
CA GLU E 77 1.85 -5.56 20.41
C GLU E 77 0.79 -5.91 19.38
N PHE E 78 -0.23 -6.61 19.81
CA PHE E 78 -1.41 -6.78 18.99
C PHE E 78 -2.25 -5.52 19.10
N PRO E 79 -2.41 -4.74 18.03
CA PRO E 79 -3.09 -3.44 18.13
C PRO E 79 -4.61 -3.58 18.06
N ILE E 80 -5.31 -2.77 18.87
CA ILE E 80 -6.78 -2.77 18.90
C ILE E 80 -7.23 -1.32 19.03
N ALA E 81 -7.91 -0.82 18.01
CA ALA E 81 -8.43 0.53 18.06
C ALA E 81 -9.49 0.64 19.16
N PRO E 82 -9.54 1.75 19.89
CA PRO E 82 -10.55 1.86 20.94
C PRO E 82 -11.98 1.65 20.46
N GLU E 83 -12.30 2.06 19.23
CA GLU E 83 -13.70 2.06 18.80
C GLU E 83 -14.21 0.62 18.65
N ILE E 84 -13.31 -0.35 18.51
CA ILE E 84 -13.72 -1.74 18.33
C ILE E 84 -13.44 -2.60 19.54
N ALA E 85 -12.79 -2.05 20.57
CA ALA E 85 -12.30 -2.90 21.64
C ALA E 85 -13.44 -3.64 22.32
N LEU E 86 -14.55 -2.95 22.61
CA LEU E 86 -15.61 -3.59 23.39
C LEU E 86 -16.28 -4.72 22.60
N GLU E 87 -16.51 -4.50 21.30
CA GLU E 87 -17.10 -5.57 20.51
C GLU E 87 -16.13 -6.71 20.29
N LEU E 88 -14.84 -6.39 20.13
CA LEU E 88 -13.83 -7.43 19.97
C LEU E 88 -13.73 -8.29 21.23
N LEU E 89 -13.85 -7.67 22.41
CA LEU E 89 -13.88 -8.44 23.66
C LEU E 89 -15.01 -9.47 23.67
N MET E 90 -16.20 -9.05 23.33
CA MET E 90 -17.33 -9.99 23.29
C MET E 90 -17.08 -11.15 22.33
N ALA E 91 -16.52 -10.88 21.16
CA ALA E 91 -16.21 -11.96 20.23
C ALA E 91 -15.16 -12.89 20.83
N ALA E 92 -14.08 -12.32 21.38
CA ALA E 92 -13.04 -13.17 21.95
C ALA E 92 -13.59 -14.06 23.06
N ASN E 93 -14.50 -13.52 23.86
CA ASN E 93 -15.15 -14.33 24.90
C ASN E 93 -15.91 -15.50 24.30
N PHE E 94 -16.72 -15.23 23.26
CA PHE E 94 -17.46 -16.31 22.62
C PHE E 94 -16.55 -17.32 21.94
N LEU E 95 -15.49 -16.85 21.29
CA LEU E 95 -14.62 -17.76 20.54
C LEU E 95 -13.55 -18.43 21.39
N ASP E 96 -13.31 -17.96 22.62
CA ASP E 96 -12.30 -18.52 23.53
C ASP E 96 -10.91 -18.57 22.89
N CYS E 97 -10.45 -17.39 22.49
CA CYS E 97 -9.11 -17.30 21.88
C CYS E 97 -8.38 -16.09 22.46
N PRO F 10 7.93 -18.50 53.05
CA PRO F 10 7.49 -18.46 51.65
C PRO F 10 8.49 -19.16 50.73
N VAL F 11 8.02 -20.03 49.87
CA VAL F 11 8.92 -20.72 48.99
C VAL F 11 9.50 -19.75 47.96
N LEU F 12 8.70 -18.81 47.50
CA LEU F 12 9.20 -17.87 46.53
C LEU F 12 9.81 -16.68 47.26
N ARG F 13 11.12 -16.76 47.45
CA ARG F 13 11.85 -15.69 48.10
C ARG F 13 13.27 -15.68 47.59
N SER F 14 13.92 -14.53 47.65
CA SER F 14 15.31 -14.47 47.28
C SER F 14 16.19 -15.09 48.36
N VAL F 15 17.29 -15.72 47.98
CA VAL F 15 18.24 -16.27 48.92
C VAL F 15 19.26 -15.22 49.19
N ASN F 16 19.63 -15.06 50.44
CA ASN F 16 20.62 -14.03 50.80
C ASN F 16 22.02 -14.59 50.57
N SER F 17 22.35 -14.75 49.29
CA SER F 17 23.57 -15.44 48.87
C SER F 17 24.82 -14.65 49.23
N ARG F 18 24.78 -13.32 49.12
CA ARG F 18 25.95 -12.45 49.24
C ARG F 18 26.95 -12.61 48.09
N GLU F 19 26.58 -13.32 47.01
CA GLU F 19 27.44 -13.52 45.85
C GLU F 19 26.95 -12.62 44.73
N PRO F 20 27.64 -11.52 44.42
CA PRO F 20 27.09 -10.55 43.48
C PRO F 20 26.93 -11.15 42.09
N SER F 21 25.95 -10.62 41.35
CA SER F 21 25.72 -11.02 39.96
C SER F 21 25.25 -9.80 39.19
N GLN F 22 25.98 -9.44 38.13
CA GLN F 22 25.66 -8.28 37.33
C GLN F 22 24.73 -8.74 36.21
N VAL F 23 23.67 -7.98 35.98
CA VAL F 23 22.60 -8.38 35.07
C VAL F 23 22.32 -7.22 34.15
N ILE F 24 22.02 -7.51 32.88
CA ILE F 24 21.48 -6.52 31.96
C ILE F 24 19.98 -6.73 31.93
N PHE F 25 19.24 -5.73 32.39
CA PHE F 25 17.77 -5.72 32.26
C PHE F 25 17.50 -5.03 30.93
N CYS F 26 17.19 -5.77 29.88
CA CYS F 26 16.90 -5.22 28.57
C CYS F 26 15.42 -5.25 28.22
N ASN F 27 14.84 -4.10 27.97
CA ASN F 27 13.42 -4.04 27.68
C ASN F 27 13.21 -4.20 26.20
N ARG F 28 12.71 -5.34 25.82
CA ARG F 28 12.48 -5.68 24.44
C ARG F 28 10.97 -5.67 24.21
N SER F 29 10.24 -4.92 25.01
CA SER F 29 8.80 -4.78 24.88
C SER F 29 8.41 -3.34 24.56
N PRO F 30 7.15 -3.13 24.12
CA PRO F 30 6.70 -1.76 23.91
C PRO F 30 6.16 -1.10 25.18
N ARG F 31 6.25 -1.77 26.34
CA ARG F 31 5.67 -1.27 27.58
C ARG F 31 6.74 -0.62 28.46
N VAL F 32 6.29 0.30 29.32
CA VAL F 32 7.12 0.69 30.46
C VAL F 32 7.14 -0.48 31.44
N VAL F 33 8.35 -0.95 31.78
CA VAL F 33 8.54 -2.16 32.56
C VAL F 33 8.89 -1.80 33.99
N LEU F 34 8.24 -2.44 34.94
CA LEU F 34 8.56 -2.35 36.35
C LEU F 34 9.26 -3.63 36.76
N PRO F 35 10.54 -3.60 37.07
CA PRO F 35 11.16 -4.79 37.68
C PRO F 35 10.66 -4.91 39.12
N VAL F 36 10.43 -6.14 39.58
CA VAL F 36 9.92 -6.43 40.91
C VAL F 36 10.83 -7.49 41.53
N TRP F 37 11.46 -7.15 42.65
CA TRP F 37 12.36 -8.03 43.36
C TRP F 37 11.61 -8.65 44.52
N LEU F 38 11.64 -9.96 44.62
CA LEU F 38 11.10 -10.64 45.79
C LEU F 38 12.14 -10.66 46.91
N ASN F 39 11.80 -10.08 48.04
CA ASN F 39 12.80 -9.93 49.07
C ASN F 39 12.94 -11.23 49.84
N PHE F 40 13.68 -11.18 50.94
CA PHE F 40 14.01 -12.38 51.69
C PHE F 40 12.80 -12.98 52.40
N ASP F 41 11.71 -12.23 52.52
CA ASP F 41 10.45 -12.74 53.04
C ASP F 41 9.42 -12.99 51.95
N GLY F 42 9.81 -12.98 50.68
CA GLY F 42 8.86 -13.17 49.60
C GLY F 42 7.99 -11.96 49.26
N GLU F 43 8.27 -10.79 49.85
CA GLU F 43 7.48 -9.61 49.57
C GLU F 43 7.98 -8.94 48.31
N PRO F 44 7.09 -8.61 47.36
CA PRO F 44 7.54 -7.97 46.10
C PRO F 44 7.94 -6.53 46.36
N GLN F 45 9.11 -6.14 45.87
CA GLN F 45 9.56 -4.77 46.03
C GLN F 45 9.72 -4.12 44.67
N PRO F 46 9.13 -2.94 44.45
CA PRO F 46 9.27 -2.26 43.15
C PRO F 46 10.63 -1.59 42.98
N TYR F 47 11.14 -1.70 41.77
CA TYR F 47 12.41 -1.07 41.41
C TYR F 47 12.19 -0.02 40.33
N PRO F 48 13.19 0.78 39.99
CA PRO F 48 13.02 1.80 38.95
C PRO F 48 12.56 1.23 37.62
N THR F 49 11.74 2.01 36.92
CA THR F 49 11.11 1.56 35.68
C THR F 49 12.02 1.74 34.48
N LEU F 50 11.81 0.90 33.46
CA LEU F 50 12.56 0.94 32.21
C LEU F 50 11.64 1.39 31.09
N PRO F 51 11.94 2.50 30.42
CA PRO F 51 11.13 2.89 29.25
C PRO F 51 11.25 1.84 28.16
N PRO F 52 10.27 1.81 27.24
CA PRO F 52 10.38 0.91 26.09
C PRO F 52 11.68 1.14 25.35
N GLY F 53 12.33 0.05 24.95
CA GLY F 53 13.56 0.18 24.19
C GLY F 53 14.79 0.63 24.97
N THR F 54 14.83 0.43 26.29
CA THR F 54 16.01 0.81 27.08
C THR F 54 16.59 -0.40 27.80
N GLY F 55 17.85 -0.26 28.20
CA GLY F 55 18.53 -1.28 28.98
C GLY F 55 19.32 -0.67 30.12
N ARG F 56 19.48 -1.43 31.18
CA ARG F 56 20.22 -0.97 32.35
C ARG F 56 21.07 -2.12 32.83
N ARG F 57 22.32 -1.81 33.21
CA ARG F 57 23.20 -2.76 33.88
C ARG F 57 22.98 -2.59 35.37
N ILE F 58 22.59 -3.67 36.05
CA ILE F 58 22.21 -3.57 37.45
C ILE F 58 22.91 -4.64 38.25
N HIS F 59 23.07 -4.35 39.53
CA HIS F 59 23.77 -5.19 40.50
C HIS F 59 22.74 -5.96 41.30
N SER F 60 22.80 -7.29 41.20
CA SER F 60 21.91 -8.16 41.94
C SER F 60 22.79 -9.27 42.50
N TYR F 61 22.18 -10.35 42.96
CA TYR F 61 22.88 -11.44 43.62
C TYR F 61 22.37 -12.78 43.13
N ARG F 62 23.26 -13.76 43.13
CA ARG F 62 22.87 -15.12 42.77
C ARG F 62 21.74 -15.54 43.68
N GLY F 63 20.76 -16.22 43.10
CA GLY F 63 19.65 -16.77 43.84
C GLY F 63 18.53 -15.81 44.14
N HIS F 64 18.66 -14.54 43.80
CA HIS F 64 17.56 -13.61 43.97
C HIS F 64 16.53 -13.79 42.86
N LEU F 65 15.28 -13.49 43.20
CA LEU F 65 14.13 -13.76 42.35
C LEU F 65 13.55 -12.44 41.87
N TRP F 66 13.26 -12.37 40.56
CA TRP F 66 12.72 -11.18 39.92
C TRP F 66 11.54 -11.58 39.06
N LEU F 67 10.59 -10.68 38.93
CA LEU F 67 9.60 -10.75 37.87
C LEU F 67 9.43 -9.35 37.33
N PHE F 68 8.77 -9.25 36.19
CA PHE F 68 8.66 -7.99 35.47
C PHE F 68 7.24 -7.75 35.00
N ARG F 69 6.80 -6.51 35.12
CA ARG F 69 5.42 -6.17 34.87
C ARG F 69 5.32 -4.88 34.08
N ASP F 70 4.21 -4.69 33.40
CA ASP F 70 3.89 -3.38 32.86
C ASP F 70 3.72 -2.41 34.02
N ALA F 71 4.45 -1.30 33.97
CA ALA F 71 4.49 -0.41 35.14
C ALA F 71 3.15 0.28 35.39
N GLY F 72 2.38 0.51 34.35
CA GLY F 72 1.14 1.24 34.51
C GLY F 72 -0.05 0.36 34.83
N THR F 73 -0.09 -0.85 34.25
CA THR F 73 -1.24 -1.71 34.34
C THR F 73 -1.00 -2.99 35.13
N HIS F 74 0.26 -3.32 35.38
CA HIS F 74 0.70 -4.54 36.03
C HIS F 74 0.45 -5.80 35.23
N ASP F 75 0.15 -5.69 33.93
CA ASP F 75 0.13 -6.87 33.07
C ASP F 75 1.44 -7.61 33.28
N GLY F 76 1.39 -8.94 33.27
CA GLY F 76 2.61 -9.72 33.40
C GLY F 76 3.41 -9.75 32.11
N LEU F 77 4.73 -9.66 32.24
CA LEU F 77 5.64 -9.75 31.10
C LEU F 77 6.51 -11.00 31.26
N LEU F 78 7.22 -11.34 30.20
CA LEU F 78 8.13 -12.47 30.22
C LEU F 78 9.57 -12.00 30.30
N VAL F 79 10.42 -12.81 30.92
CA VAL F 79 11.85 -12.51 31.03
C VAL F 79 12.56 -13.80 30.67
N ASN F 80 13.44 -13.72 29.65
CA ASN F 80 14.05 -14.91 29.06
C ASN F 80 12.99 -15.98 28.83
N GLN F 81 11.83 -15.55 28.29
CA GLN F 81 10.70 -16.42 27.87
C GLN F 81 10.04 -17.15 29.03
N THR F 82 10.23 -16.72 30.28
CA THR F 82 9.47 -17.31 31.38
C THR F 82 9.13 -16.20 32.37
N GLU F 83 8.48 -16.57 33.46
CA GLU F 83 7.93 -15.56 34.36
C GLU F 83 8.92 -15.09 35.40
N LEU F 84 9.74 -15.98 35.94
CA LEU F 84 10.70 -15.61 36.96
C LEU F 84 12.11 -15.59 36.39
N PHE F 85 12.92 -14.65 36.87
CA PHE F 85 14.34 -14.52 36.51
C PHE F 85 15.19 -14.63 37.76
N VAL F 86 16.20 -15.50 37.73
CA VAL F 86 17.12 -15.71 38.85
C VAL F 86 18.56 -15.54 38.38
N PRO F 87 19.27 -14.53 38.85
CA PRO F 87 20.69 -14.41 38.47
C PRO F 87 21.47 -15.66 38.81
N SER F 88 22.27 -16.12 37.86
CA SER F 88 23.21 -17.20 38.10
C SER F 88 24.61 -16.58 38.25
N LEU F 89 25.64 -17.41 38.28
CA LEU F 89 26.99 -16.92 38.43
C LEU F 89 27.52 -16.32 37.13
N ASN F 90 28.13 -15.14 37.22
CA ASN F 90 28.69 -14.51 36.05
C ASN F 90 29.88 -15.32 35.54
N VAL F 91 29.85 -15.65 34.25
CA VAL F 91 30.91 -16.42 33.63
C VAL F 91 31.74 -15.44 32.79
N ASP F 92 33.06 -15.40 33.07
CA ASP F 92 34.01 -14.57 32.35
C ASP F 92 33.86 -13.08 32.65
N GLY F 93 33.14 -12.73 33.72
CA GLY F 93 32.78 -11.34 33.89
C GLY F 93 31.79 -10.81 32.87
N GLN F 94 31.18 -11.70 32.06
CA GLN F 94 30.09 -11.28 31.19
C GLN F 94 28.81 -11.14 32.02
N PRO F 95 28.03 -10.10 31.80
CA PRO F 95 26.74 -9.99 32.50
C PRO F 95 25.73 -10.99 31.98
N ILE F 96 24.82 -11.40 32.88
CA ILE F 96 23.67 -12.21 32.51
C ILE F 96 22.62 -11.31 31.87
N PHE F 97 22.05 -11.76 30.76
CA PHE F 97 21.00 -11.01 30.11
C PHE F 97 19.64 -11.42 30.63
N ALA F 98 18.83 -10.45 30.98
CA ALA F 98 17.42 -10.63 31.34
C ALA F 98 16.61 -9.93 30.25
N ASN F 99 16.19 -10.70 29.23
CA ASN F 99 15.46 -10.16 28.08
C ASN F 99 13.98 -10.13 28.41
N ILE F 100 13.42 -8.93 28.52
CA ILE F 100 12.02 -8.73 28.91
C ILE F 100 11.20 -8.53 27.65
N THR F 101 10.17 -9.35 27.44
CA THR F 101 9.38 -9.33 26.22
C THR F 101 7.89 -9.44 26.54
N LEU F 102 7.09 -9.04 25.56
CA LEU F 102 5.67 -9.30 25.65
C LEU F 102 5.39 -10.79 25.57
N PRO F 103 4.44 -11.28 26.35
CA PRO F 103 3.87 -12.59 26.04
C PRO F 103 2.95 -12.44 24.85
N VAL F 104 2.59 -13.57 24.25
CA VAL F 104 1.49 -13.62 23.29
C VAL F 104 0.21 -13.74 24.11
N TYR F 105 -0.42 -12.62 24.38
CA TYR F 105 -1.64 -12.67 25.16
C TYR F 105 -2.72 -13.35 24.35
N THR F 106 -3.70 -13.92 25.05
CA THR F 106 -4.92 -14.32 24.39
C THR F 106 -5.63 -13.08 23.90
N LEU F 107 -6.40 -13.22 22.82
CA LEU F 107 -7.14 -12.07 22.31
C LEU F 107 -8.03 -11.51 23.41
N LYS F 108 -8.68 -12.39 24.15
CA LYS F 108 -9.55 -11.92 25.21
C LYS F 108 -8.78 -11.09 26.23
N GLU F 109 -7.60 -11.52 26.63
CA GLU F 109 -6.86 -10.75 27.62
C GLU F 109 -6.43 -9.41 27.07
N ARG F 110 -6.01 -9.38 25.80
CA ARG F 110 -5.60 -8.15 25.19
C ARG F 110 -6.76 -7.18 25.12
N CYS F 111 -7.92 -7.70 24.78
CA CYS F 111 -9.12 -6.88 24.72
C CYS F 111 -9.45 -6.33 26.11
N LEU F 112 -9.28 -7.13 27.14
CA LEU F 112 -9.53 -6.68 28.50
C LEU F 112 -8.55 -5.58 28.89
N GLN F 113 -7.32 -5.68 28.43
CA GLN F 113 -6.29 -4.66 28.71
C GLN F 113 -6.70 -3.31 28.11
N VAL F 114 -7.16 -3.28 26.87
CA VAL F 114 -7.59 -2.03 26.18
C VAL F 114 -8.89 -1.48 26.79
N VAL F 115 -9.83 -2.33 27.19
CA VAL F 115 -11.08 -1.84 27.82
C VAL F 115 -10.73 -1.19 29.16
N ARG F 116 -9.83 -1.80 29.92
CA ARG F 116 -9.40 -1.30 31.24
C ARG F 116 -8.64 0.03 31.06
N SER F 117 -7.87 0.18 29.99
CA SER F 117 -7.13 1.41 29.75
C SER F 117 -8.07 2.57 29.41
N LEU F 118 -9.28 2.27 28.94
CA LEU F 118 -10.19 3.32 28.50
C LEU F 118 -11.29 3.62 29.50
N VAL F 119 -11.62 2.68 30.39
CA VAL F 119 -12.75 2.81 31.29
C VAL F 119 -12.24 2.80 32.72
N LYS F 120 -12.65 3.80 33.51
CA LYS F 120 -12.36 3.78 34.93
C LYS F 120 -13.08 2.60 35.60
N PRO F 121 -12.44 1.96 36.58
CA PRO F 121 -13.04 0.75 37.16
C PRO F 121 -14.47 0.95 37.63
N GLU F 122 -14.82 2.17 38.03
CA GLU F 122 -16.18 2.39 38.51
C GLU F 122 -17.23 2.23 37.42
N ASN F 123 -16.83 2.32 36.15
CA ASN F 123 -17.78 2.33 35.04
C ASN F 123 -17.81 1.02 34.26
N TYR F 124 -17.08 0.00 34.72
CA TYR F 124 -17.09 -1.27 34.00
C TYR F 124 -18.51 -1.78 33.79
N ARG F 125 -19.33 -1.72 34.84
CA ARG F 125 -20.67 -2.28 34.80
C ARG F 125 -21.66 -1.42 34.02
N ARG F 126 -21.25 -0.22 33.59
CA ARG F 126 -22.08 0.53 32.66
C ARG F 126 -22.04 -0.06 31.25
N LEU F 127 -20.99 -0.83 30.94
CA LEU F 127 -20.84 -1.41 29.61
C LEU F 127 -21.88 -2.50 29.36
N ASP F 128 -22.36 -2.57 28.14
CA ASP F 128 -23.39 -3.55 27.80
C ASP F 128 -22.74 -4.85 27.34
N ILE F 129 -22.39 -5.67 28.34
CA ILE F 129 -21.76 -6.97 28.12
C ILE F 129 -22.30 -7.94 29.19
N VAL F 130 -22.07 -9.23 28.95
CA VAL F 130 -22.52 -10.25 29.88
C VAL F 130 -21.79 -10.09 31.22
N ARG F 131 -22.45 -10.54 32.28
CA ARG F 131 -21.94 -10.28 33.62
C ARG F 131 -20.56 -10.90 33.82
N SER F 132 -20.29 -12.05 33.20
CA SER F 132 -18.99 -12.69 33.37
C SER F 132 -17.85 -11.80 32.88
N LEU F 133 -18.13 -10.91 31.91
CA LEU F 133 -17.12 -9.98 31.43
C LEU F 133 -16.88 -8.81 32.37
N TYR F 134 -17.89 -8.39 33.14
CA TYR F 134 -17.60 -7.46 34.23
C TYR F 134 -16.58 -8.08 35.18
N GLU F 135 -16.79 -9.35 35.53
CA GLU F 135 -15.91 -10.02 36.48
C GLU F 135 -14.51 -10.12 35.91
N ASP F 136 -14.40 -10.44 34.61
CA ASP F 136 -13.10 -10.53 33.97
C ASP F 136 -12.39 -9.17 33.97
N LEU F 137 -13.12 -8.09 33.68
CA LEU F 137 -12.50 -6.78 33.73
C LEU F 137 -11.99 -6.43 35.12
N GLU F 138 -12.78 -6.75 36.15
CA GLU F 138 -12.44 -6.37 37.51
C GLU F 138 -11.31 -7.22 38.08
N ASP F 139 -11.05 -8.39 37.51
CA ASP F 139 -9.94 -9.24 37.95
C ASP F 139 -8.62 -8.77 37.32
N HIS F 140 -8.15 -7.61 37.78
CA HIS F 140 -6.93 -7.02 37.24
C HIS F 140 -5.72 -7.92 37.49
N PRO F 141 -4.72 -7.89 36.62
CA PRO F 141 -3.49 -8.63 36.89
C PRO F 141 -2.81 -8.07 38.12
N ASN F 142 -2.22 -8.96 38.91
CA ASN F 142 -1.50 -8.48 40.08
C ASN F 142 -0.47 -9.48 40.54
N VAL F 143 0.60 -8.96 41.13
CA VAL F 143 1.75 -9.80 41.49
C VAL F 143 1.34 -10.85 42.52
N GLN F 144 0.60 -10.44 43.56
CA GLN F 144 0.28 -11.37 44.64
C GLN F 144 -0.46 -12.58 44.11
N LYS F 145 -1.30 -12.43 43.13
CA LYS F 145 -2.00 -13.57 42.59
C LYS F 145 -1.07 -14.52 41.90
N ASP F 146 -0.21 -13.97 41.08
CA ASP F 146 0.68 -14.79 40.30
C ASP F 146 1.61 -15.57 41.17
N LEU F 147 2.05 -14.97 42.24
CA LEU F 147 2.99 -15.62 43.11
C LEU F 147 2.37 -16.89 43.66
N GLU F 148 1.09 -16.83 44.01
CA GLU F 148 0.40 -18.02 44.45
C GLU F 148 0.31 -19.12 43.40
N ARG F 149 -0.02 -18.78 42.16
CA ARG F 149 -0.06 -19.78 41.13
C ARG F 149 1.30 -20.33 40.93
N LEU F 150 2.27 -19.44 40.86
CA LEU F 150 3.61 -19.86 40.61
C LEU F 150 4.05 -20.75 41.74
N THR F 151 3.67 -20.41 42.97
CA THR F 151 4.06 -21.21 44.10
C THR F 151 3.45 -22.58 44.01
N GLN F 152 2.20 -22.66 43.62
CA GLN F 152 1.55 -23.94 43.44
C GLN F 152 2.22 -24.68 42.33
N GLU F 153 2.56 -23.95 41.28
CA GLU F 153 3.17 -24.59 40.14
C GLU F 153 4.44 -25.22 40.63
N ARG F 154 5.16 -24.57 41.53
CA ARG F 154 6.32 -25.20 42.12
C ARG F 154 5.89 -26.22 43.18
#